data_5OYE
#
_entry.id   5OYE
#
_cell.length_a   55.343
_cell.length_b   95.830
_cell.length_c   157.208
_cell.angle_alpha   90.00
_cell.angle_beta   90.00
_cell.angle_gamma   90.00
#
_symmetry.space_group_name_H-M   'P 21 21 21'
#
loop_
_entity.id
_entity.type
_entity.pdbx_description
1 polymer 'Cellulase, putative, cel5D'
2 branched beta-D-glucopyranose-(1-4)-[alpha-D-xylopyranose-(1-6)]beta-D-glucopyranose-(1-4)-[beta-D-galactopyranose-(1-2)-alpha-D-xylopyranose-(1-6)]beta-D-glucopyranose-(1-4)-beta-D-glucopyranose
3 branched beta-D-glucopyranose-(1-4)-[alpha-D-xylopyranose-(1-6)]beta-D-glucopyranose-(1-4)-[alpha-D-xylopyranose-(1-6)]beta-D-glucopyranose-(1-4)-beta-D-glucopyranose
4 non-polymer 'SULFATE ION'
5 non-polymer 'CHLORIDE ION'
6 water water
#
_entity_poly.entity_id   1
_entity_poly.type   'polypeptide(L)'
_entity_poly.pdbx_seq_one_letter_code
;MGSSHHHHHHSSGLVPRGSHMASGLYPSYNTSPAAPDSTGMQSTAVQLAGKIRLGWNIGNTMEAIGGETAWGNPMVSNEL
LKLVKDSGFDAVRIPVAWDQYANQESAEISAAWLNRVKQVVQMAIDNELYVLINIHWDGGWLENNITPAKKDENNAKQKA
FWEQIATHLRDFDEHLLFAGTNEPNAENAEQMDVLNSYLQTFVDAVRSTGGKNAYRVLVLQGPVTDIEKTNELWTHMPAD
TATDRLMAEVHFYTPYNFALMRQDESWGKQFYYWGEGFLSTTDTERNPTWGEEATIDQLFDLMKTKFVDQGIPVVLGEFS
AMRRTNLTGDALTLHLAGRAYYHKYVTQQALARGLLPFYWDNGGNDNFSSGIFNRQQNTVFDQQVLDALLEGAGAQ
;
_entity_poly.pdbx_strand_id   A,B
#
loop_
_chem_comp.id
_chem_comp.type
_chem_comp.name
_chem_comp.formula
BGC D-saccharide, beta linking beta-D-glucopyranose 'C6 H12 O6'
CL non-polymer 'CHLORIDE ION' 'Cl -1'
GAL D-saccharide, beta linking beta-D-galactopyranose 'C6 H12 O6'
SO4 non-polymer 'SULFATE ION' 'O4 S -2'
XYS D-saccharide, alpha linking alpha-D-xylopyranose 'C5 H10 O5'
#
# COMPACT_ATOMS: atom_id res chain seq x y z
N GLY A 24 -24.15 -0.56 17.30
CA GLY A 24 -24.21 -2.06 17.25
C GLY A 24 -24.44 -2.62 15.85
N LEU A 25 -23.49 -2.36 14.97
CA LEU A 25 -23.52 -2.77 13.54
C LEU A 25 -23.85 -4.26 13.35
N TYR A 26 -23.25 -5.09 14.20
CA TYR A 26 -23.38 -6.53 14.16
C TYR A 26 -23.84 -7.03 15.53
N PRO A 27 -24.60 -8.12 15.58
CA PRO A 27 -24.90 -8.76 16.84
C PRO A 27 -23.69 -9.22 17.62
N SER A 28 -23.88 -9.36 18.92
CA SER A 28 -22.88 -9.93 19.79
C SER A 28 -22.76 -11.38 19.46
N TYR A 29 -21.55 -11.86 19.19
CA TYR A 29 -21.33 -13.29 19.05
C TYR A 29 -20.75 -13.82 20.29
N ASN A 30 -20.73 -13.04 21.39
CA ASN A 30 -20.23 -13.54 22.69
C ASN A 30 -21.39 -14.21 23.46
N THR A 31 -21.83 -15.34 22.92
CA THR A 31 -23.14 -15.86 23.28
C THR A 31 -23.05 -16.82 24.50
N SER A 32 -22.06 -17.69 24.54
CA SER A 32 -21.93 -18.60 25.66
C SER A 32 -20.68 -18.38 26.53
N PRO A 33 -20.42 -17.13 27.03
CA PRO A 33 -19.13 -16.94 27.72
C PRO A 33 -18.96 -17.91 28.84
N ALA A 34 -17.80 -18.50 28.99
CA ALA A 34 -17.59 -19.50 30.05
C ALA A 34 -16.98 -18.89 31.32
N ALA A 35 -16.79 -19.70 32.36
CA ALA A 35 -16.05 -19.22 33.54
C ALA A 35 -14.54 -19.33 33.18
N PRO A 36 -13.73 -18.33 33.60
CA PRO A 36 -12.26 -18.43 33.42
C PRO A 36 -11.70 -19.79 33.85
N ASP A 37 -10.82 -20.35 33.04
CA ASP A 37 -10.28 -21.69 33.29
C ASP A 37 -8.76 -21.75 32.98
N SER A 38 -7.94 -21.74 34.02
CA SER A 38 -6.48 -21.84 33.90
C SER A 38 -5.96 -23.25 33.69
N THR A 39 -6.84 -24.23 33.50
CA THR A 39 -6.42 -25.62 33.32
C THR A 39 -5.63 -25.73 32.03
N GLY A 40 -4.38 -26.19 32.14
CA GLY A 40 -3.53 -26.30 30.97
C GLY A 40 -3.14 -25.01 30.27
N MET A 41 -3.30 -23.87 30.95
CA MET A 41 -2.83 -22.55 30.53
C MET A 41 -1.84 -21.97 31.57
N GLN A 42 -0.93 -22.77 32.06
CA GLN A 42 -0.06 -22.36 33.19
C GLN A 42 1.14 -21.49 32.79
N SER A 43 1.74 -21.77 31.63
CA SER A 43 2.88 -21.03 31.04
C SER A 43 2.56 -19.57 30.73
N THR A 44 3.43 -18.67 31.21
CA THR A 44 3.47 -17.26 30.79
C THR A 44 3.89 -17.20 29.33
N ALA A 45 3.77 -16.02 28.74
CA ALA A 45 4.26 -15.84 27.38
C ALA A 45 5.71 -16.26 27.29
N VAL A 46 6.50 -15.79 28.25
CA VAL A 46 7.91 -16.07 28.20
C VAL A 46 8.19 -17.58 28.32
N GLN A 47 7.44 -18.31 29.15
CA GLN A 47 7.68 -19.76 29.26
C GLN A 47 7.24 -20.46 27.97
N LEU A 48 6.04 -20.10 27.51
CA LEU A 48 5.57 -20.60 26.23
C LEU A 48 6.64 -20.46 25.19
N ALA A 49 7.26 -19.26 25.14
CA ALA A 49 8.25 -18.95 24.08
C ALA A 49 9.55 -19.76 24.17
N GLY A 50 9.92 -20.18 25.37
CA GLY A 50 11.07 -21.07 25.56
C GLY A 50 10.83 -22.49 25.03
N LYS A 51 9.57 -22.86 24.80
CA LYS A 51 9.26 -24.15 24.22
C LYS A 51 9.32 -24.12 22.70
N ILE A 52 9.53 -22.95 22.06
CA ILE A 52 9.53 -22.85 20.59
C ILE A 52 10.84 -22.30 20.00
N ARG A 53 11.35 -22.99 19.00
CA ARG A 53 12.62 -22.64 18.37
C ARG A 53 12.59 -22.72 16.85
N LEU A 54 11.58 -23.39 16.30
CA LEU A 54 11.41 -23.35 14.86
C LEU A 54 9.96 -23.56 14.51
N GLY A 55 9.45 -22.74 13.59
CA GLY A 55 8.07 -22.74 13.21
C GLY A 55 7.90 -22.80 11.68
N TRP A 56 6.73 -23.27 11.25
CA TRP A 56 6.36 -23.39 9.81
C TRP A 56 4.99 -22.75 9.60
N ASN A 57 4.86 -22.02 8.49
CA ASN A 57 3.60 -21.47 8.08
C ASN A 57 2.92 -22.43 7.10
N ILE A 58 1.60 -22.55 7.22
CA ILE A 58 0.85 -23.31 6.29
C ILE A 58 0.43 -22.30 5.27
N GLY A 59 1.35 -21.79 4.50
CA GLY A 59 0.99 -20.66 3.61
C GLY A 59 0.17 -21.08 2.43
N ASN A 60 -0.46 -20.10 1.77
CA ASN A 60 -1.38 -20.32 0.66
C ASN A 60 -2.42 -21.50 0.81
N THR A 61 -2.98 -21.63 1.99
CA THR A 61 -3.82 -22.75 2.33
C THR A 61 -5.07 -22.24 2.99
N MET A 62 -5.15 -22.14 4.33
CA MET A 62 -6.44 -21.76 4.95
C MET A 62 -6.83 -20.26 4.73
N GLU A 63 -5.93 -19.47 4.17
CA GLU A 63 -6.17 -18.03 3.90
C GLU A 63 -6.48 -17.84 2.44
N ALA A 64 -6.36 -18.88 1.62
CA ALA A 64 -6.47 -18.70 0.18
C ALA A 64 -7.86 -18.22 -0.13
N ILE A 65 -7.93 -17.22 -0.97
CA ILE A 65 -9.17 -16.67 -1.42
C ILE A 65 -9.72 -17.58 -2.49
N GLY A 66 -11.00 -17.89 -2.32
CA GLY A 66 -11.75 -18.85 -3.12
C GLY A 66 -11.91 -20.19 -2.43
N GLY A 67 -11.30 -20.40 -1.27
CA GLY A 67 -11.28 -21.73 -0.63
C GLY A 67 -9.89 -22.23 -0.22
N GLU A 68 -9.87 -23.18 0.73
CA GLU A 68 -8.64 -23.83 1.16
C GLU A 68 -7.74 -24.39 0.04
N THR A 69 -8.34 -24.94 -1.02
CA THR A 69 -7.56 -25.56 -2.12
C THR A 69 -7.40 -24.62 -3.31
N ALA A 70 -7.91 -23.41 -3.23
CA ALA A 70 -7.87 -22.50 -4.41
C ALA A 70 -6.50 -21.97 -4.85
N TRP A 71 -5.42 -22.14 -4.06
CA TRP A 71 -4.12 -21.66 -4.45
C TRP A 71 -3.10 -22.78 -4.65
N GLY A 72 -3.58 -23.93 -5.12
CA GLY A 72 -2.70 -25.01 -5.52
C GLY A 72 -2.36 -25.98 -4.40
N ASN A 73 -2.67 -25.66 -3.15
CA ASN A 73 -2.36 -26.64 -2.15
C ASN A 73 -3.60 -27.45 -1.85
N PRO A 74 -3.41 -28.68 -1.40
CA PRO A 74 -4.54 -29.44 -0.88
C PRO A 74 -4.92 -29.08 0.57
N MET A 75 -6.02 -29.64 1.01
CA MET A 75 -6.58 -29.36 2.31
C MET A 75 -5.53 -29.87 3.32
N VAL A 76 -5.35 -29.15 4.42
CA VAL A 76 -4.40 -29.58 5.44
C VAL A 76 -4.81 -30.96 5.91
N SER A 77 -3.85 -31.89 5.95
CA SER A 77 -4.05 -33.24 6.43
C SER A 77 -3.19 -33.51 7.63
N ASN A 78 -3.63 -34.46 8.43
CA ASN A 78 -2.82 -34.93 9.53
C ASN A 78 -1.45 -35.41 9.01
N GLU A 79 -1.42 -35.99 7.83
CA GLU A 79 -0.19 -36.51 7.32
C GLU A 79 0.86 -35.34 7.21
N LEU A 80 0.41 -34.17 6.75
CA LEU A 80 1.27 -32.99 6.58
C LEU A 80 1.75 -32.56 7.94
N LEU A 81 0.86 -32.45 8.90
CA LEU A 81 1.26 -31.96 10.22
C LEU A 81 2.21 -32.91 10.92
N LYS A 82 2.06 -34.21 10.63
CA LYS A 82 2.94 -35.24 11.19
C LYS A 82 4.30 -35.02 10.54
N LEU A 83 4.31 -34.78 9.22
CA LEU A 83 5.58 -34.52 8.50
C LEU A 83 6.29 -33.27 9.04
N VAL A 84 5.53 -32.23 9.38
CA VAL A 84 6.08 -30.98 9.95
C VAL A 84 6.70 -31.19 11.32
N LYS A 85 5.95 -31.90 12.14
CA LYS A 85 6.57 -32.27 13.42
C LYS A 85 7.75 -33.28 13.26
N ASP A 86 7.60 -34.28 12.40
CA ASP A 86 8.68 -35.24 12.13
C ASP A 86 9.90 -34.50 11.63
N SER A 87 9.72 -33.56 10.70
CA SER A 87 10.83 -32.88 10.09
C SER A 87 11.64 -31.99 11.07
N GLY A 88 11.05 -31.58 12.18
CA GLY A 88 11.78 -30.90 13.25
C GLY A 88 11.20 -29.57 13.74
N PHE A 89 10.06 -29.13 13.21
CA PHE A 89 9.35 -27.96 13.73
C PHE A 89 8.60 -28.18 15.03
N ASP A 90 8.56 -27.11 15.84
CA ASP A 90 7.87 -27.08 17.09
C ASP A 90 6.52 -26.41 17.00
N ALA A 91 6.25 -25.59 15.96
CA ALA A 91 4.97 -24.84 15.97
C ALA A 91 4.56 -24.61 14.55
N VAL A 92 3.26 -24.25 14.32
CA VAL A 92 2.85 -23.83 13.00
C VAL A 92 2.16 -22.47 13.09
N ARG A 93 2.25 -21.68 12.04
CA ARG A 93 1.41 -20.55 11.97
C ARG A 93 0.43 -20.84 10.86
N ILE A 94 -0.86 -20.56 11.10
CA ILE A 94 -1.89 -20.98 10.18
C ILE A 94 -2.57 -19.69 9.86
N PRO A 95 -2.16 -19.11 8.76
CA PRO A 95 -2.97 -18.03 8.33
C PRO A 95 -4.34 -18.48 7.90
N VAL A 96 -5.37 -17.69 8.27
CA VAL A 96 -6.74 -18.02 7.95
C VAL A 96 -7.48 -16.85 7.34
N ALA A 97 -8.32 -17.15 6.37
CA ALA A 97 -9.24 -16.18 5.77
C ALA A 97 -10.58 -16.41 6.40
N TRP A 98 -11.39 -15.34 6.47
CA TRP A 98 -12.62 -15.37 7.27
C TRP A 98 -13.77 -14.55 6.57
N ASP A 99 -13.41 -13.41 6.05
CA ASP A 99 -14.32 -12.45 5.54
C ASP A 99 -15.19 -13.13 4.48
N GLN A 100 -14.53 -13.77 3.51
CA GLN A 100 -15.21 -14.50 2.42
C GLN A 100 -16.20 -15.64 2.90
N TYR A 101 -16.07 -16.15 4.12
CA TYR A 101 -16.97 -17.15 4.67
C TYR A 101 -18.04 -16.55 5.59
N ALA A 102 -18.18 -15.23 5.62
CA ALA A 102 -19.07 -14.63 6.61
C ALA A 102 -20.16 -13.89 5.86
N ASN A 103 -21.32 -13.88 6.45
CA ASN A 103 -22.45 -13.11 5.96
C ASN A 103 -22.02 -11.63 6.11
N GLN A 104 -22.15 -10.89 5.04
CA GLN A 104 -21.76 -9.51 5.09
C GLN A 104 -22.72 -8.51 5.77
N GLU A 105 -24.02 -8.87 5.97
CA GLU A 105 -24.95 -8.05 6.80
C GLU A 105 -24.72 -8.36 8.29
N SER A 106 -24.41 -9.59 8.66
CA SER A 106 -24.41 -9.91 10.12
C SER A 106 -23.04 -10.26 10.69
N ALA A 107 -22.08 -10.51 9.77
CA ALA A 107 -20.68 -10.87 10.08
C ALA A 107 -20.60 -12.26 10.70
N GLU A 108 -21.62 -13.07 10.43
CA GLU A 108 -21.64 -14.46 10.91
C GLU A 108 -20.79 -15.29 9.95
N ILE A 109 -19.91 -16.06 10.55
CA ILE A 109 -19.01 -16.90 9.85
C ILE A 109 -19.64 -18.29 9.80
N SER A 110 -19.54 -18.89 8.60
CA SER A 110 -20.03 -20.26 8.28
C SER A 110 -19.56 -21.21 9.32
N ALA A 111 -20.51 -21.96 9.89
CA ALA A 111 -20.24 -22.97 10.94
C ALA A 111 -19.38 -24.09 10.41
N ALA A 112 -19.55 -24.37 9.12
CA ALA A 112 -18.73 -25.36 8.44
C ALA A 112 -17.28 -24.93 8.41
N TRP A 113 -17.03 -23.68 8.04
CA TRP A 113 -15.64 -23.12 8.08
C TRP A 113 -15.07 -23.15 9.49
N LEU A 114 -15.93 -22.82 10.45
CA LEU A 114 -15.50 -22.74 11.83
C LEU A 114 -15.12 -24.11 12.31
N ASN A 115 -15.88 -25.13 11.87
CA ASN A 115 -15.56 -26.50 12.26
C ASN A 115 -14.31 -27.00 11.59
N ARG A 116 -14.11 -26.59 10.32
CA ARG A 116 -12.90 -26.86 9.52
C ARG A 116 -11.62 -26.28 10.16
N VAL A 117 -11.71 -25.06 10.70
CA VAL A 117 -10.55 -24.50 11.38
C VAL A 117 -10.25 -25.26 12.67
N LYS A 118 -11.29 -25.50 13.46
CA LYS A 118 -11.15 -26.32 14.67
C LYS A 118 -10.54 -27.65 14.37
N GLN A 119 -11.09 -28.33 13.38
CA GLN A 119 -10.50 -29.63 12.94
C GLN A 119 -8.96 -29.53 12.69
N VAL A 120 -8.50 -28.47 12.00
CA VAL A 120 -7.05 -28.34 11.71
C VAL A 120 -6.27 -28.08 13.01
N VAL A 121 -6.82 -27.22 13.84
CA VAL A 121 -6.18 -26.87 15.11
C VAL A 121 -6.02 -28.17 15.92
N GLN A 122 -7.08 -28.96 15.94
CA GLN A 122 -7.10 -30.20 16.77
C GLN A 122 -6.00 -31.13 16.27
N MET A 123 -5.93 -31.31 14.97
CA MET A 123 -4.88 -32.16 14.38
C MET A 123 -3.43 -31.72 14.60
N ALA A 124 -3.21 -30.39 14.70
CA ALA A 124 -1.87 -29.89 14.86
C ALA A 124 -1.49 -30.19 16.26
N ILE A 125 -2.42 -29.97 17.17
CA ILE A 125 -2.18 -30.25 18.59
C ILE A 125 -2.03 -31.74 18.83
N ASP A 126 -2.74 -32.58 18.08
CA ASP A 126 -2.51 -34.06 18.18
C ASP A 126 -1.12 -34.43 17.80
N ASN A 127 -0.49 -33.62 16.95
CA ASN A 127 0.92 -33.86 16.56
C ASN A 127 1.92 -33.13 17.47
N GLU A 128 1.42 -32.66 18.62
CA GLU A 128 2.14 -31.93 19.62
C GLU A 128 2.82 -30.68 19.01
N LEU A 129 2.14 -30.00 18.11
CA LEU A 129 2.58 -28.69 17.65
C LEU A 129 1.97 -27.52 18.42
N TYR A 130 2.77 -26.49 18.66
CA TYR A 130 2.17 -25.17 19.02
C TYR A 130 1.52 -24.62 17.76
N VAL A 131 0.48 -23.83 17.93
CA VAL A 131 -0.31 -23.39 16.79
C VAL A 131 -0.66 -21.94 17.02
N LEU A 132 -0.58 -21.12 15.95
CA LEU A 132 -0.93 -19.73 16.03
C LEU A 132 -1.89 -19.49 14.88
N ILE A 133 -3.10 -19.01 15.17
CA ILE A 133 -4.21 -18.76 14.24
C ILE A 133 -4.39 -17.28 14.16
N ASN A 134 -4.48 -16.76 12.94
CA ASN A 134 -4.67 -15.36 12.81
C ASN A 134 -5.96 -15.11 12.04
N ILE A 135 -6.26 -13.86 11.86
CA ILE A 135 -6.90 -13.36 10.66
C ILE A 135 -5.85 -12.70 9.71
N HIS A 136 -5.76 -13.15 8.46
CA HIS A 136 -4.70 -12.81 7.54
C HIS A 136 -5.16 -11.58 6.74
N TRP A 137 -4.44 -11.25 5.69
CA TRP A 137 -4.81 -10.14 4.81
C TRP A 137 -6.27 -10.16 4.45
N ASP A 138 -6.71 -11.36 4.10
CA ASP A 138 -8.07 -11.77 4.14
C ASP A 138 -8.91 -10.92 3.25
N GLY A 139 -8.41 -10.62 2.06
CA GLY A 139 -9.11 -9.75 1.08
C GLY A 139 -8.94 -8.27 1.32
N GLY A 140 -8.29 -7.91 2.45
CA GLY A 140 -7.88 -6.59 2.74
C GLY A 140 -8.75 -5.76 3.67
N TRP A 141 -9.89 -6.28 4.15
CA TRP A 141 -10.82 -5.47 4.83
C TRP A 141 -10.18 -4.62 5.94
N LEU A 142 -9.42 -5.24 6.82
CA LEU A 142 -8.68 -4.49 7.87
C LEU A 142 -7.28 -4.07 7.40
N GLU A 143 -6.53 -5.05 6.93
CA GLU A 143 -5.10 -4.92 6.67
C GLU A 143 -4.75 -3.69 5.81
N ASN A 144 -5.53 -3.41 4.77
CA ASN A 144 -5.33 -2.21 3.95
C ASN A 144 -6.10 -0.96 4.42
N ASN A 145 -6.73 -1.01 5.59
CA ASN A 145 -7.66 0.04 5.98
C ASN A 145 -7.39 0.42 7.47
N ILE A 146 -6.16 0.77 7.78
CA ILE A 146 -5.81 1.28 9.10
C ILE A 146 -5.95 2.81 9.01
N THR A 147 -7.17 3.28 8.82
CA THR A 147 -7.40 4.69 8.71
C THR A 147 -8.59 5.09 9.55
N PRO A 148 -8.67 6.40 9.92
CA PRO A 148 -9.75 6.88 10.72
C PRO A 148 -11.05 6.58 10.08
N ALA A 149 -11.18 6.69 8.74
CA ALA A 149 -12.51 6.54 8.13
C ALA A 149 -13.12 5.13 8.24
N LYS A 150 -12.25 4.16 8.41
CA LYS A 150 -12.65 2.75 8.43
C LYS A 150 -12.64 2.17 9.80
N LYS A 151 -12.16 2.95 10.77
CA LYS A 151 -11.86 2.43 12.11
C LYS A 151 -13.06 1.84 12.82
N ASP A 152 -14.17 2.56 12.80
CA ASP A 152 -15.41 2.08 13.43
C ASP A 152 -15.96 0.79 12.77
N GLU A 153 -16.20 0.81 11.48
CA GLU A 153 -16.68 -0.45 10.85
C GLU A 153 -15.70 -1.65 11.01
N ASN A 154 -14.40 -1.34 11.00
CA ASN A 154 -13.38 -2.41 11.10
C ASN A 154 -13.29 -2.94 12.49
N ASN A 155 -13.43 -2.02 13.47
CA ASN A 155 -13.48 -2.41 14.88
C ASN A 155 -14.65 -3.35 15.14
N ALA A 156 -15.84 -3.03 14.59
CA ALA A 156 -17.06 -3.89 14.76
C ALA A 156 -16.82 -5.30 14.14
N LYS A 157 -16.27 -5.34 12.93
CA LYS A 157 -16.00 -6.64 12.27
C LYS A 157 -14.97 -7.45 13.01
N GLN A 158 -13.93 -6.75 13.47
CA GLN A 158 -12.81 -7.40 14.23
C GLN A 158 -13.35 -8.08 15.47
N LYS A 159 -14.26 -7.37 16.16
CA LYS A 159 -14.92 -7.89 17.35
C LYS A 159 -15.86 -9.07 17.04
N ALA A 160 -16.75 -8.88 16.08
CA ALA A 160 -17.67 -10.01 15.64
C ALA A 160 -16.90 -11.27 15.32
N PHE A 161 -15.87 -11.15 14.48
CA PHE A 161 -15.09 -12.30 14.05
C PHE A 161 -14.37 -12.88 15.23
N TRP A 162 -13.75 -12.02 16.04
CA TRP A 162 -12.91 -12.61 17.08
C TRP A 162 -13.76 -13.30 18.13
N GLU A 163 -14.89 -12.70 18.51
CA GLU A 163 -15.92 -13.35 19.35
C GLU A 163 -16.27 -14.76 18.83
N GLN A 164 -16.61 -14.83 17.57
CA GLN A 164 -16.86 -16.15 16.92
C GLN A 164 -15.66 -17.07 16.95
N ILE A 165 -14.47 -16.59 16.49
CA ILE A 165 -13.32 -17.45 16.31
C ILE A 165 -12.92 -18.06 17.63
N ALA A 166 -12.77 -17.19 18.63
CA ALA A 166 -12.29 -17.61 19.98
C ALA A 166 -13.31 -18.45 20.74
N THR A 167 -14.60 -18.13 20.56
CA THR A 167 -15.70 -18.94 21.12
C THR A 167 -15.58 -20.38 20.61
N HIS A 168 -15.58 -20.54 19.30
CA HIS A 168 -15.38 -21.86 18.71
C HIS A 168 -14.10 -22.58 19.14
N LEU A 169 -12.99 -21.86 19.32
CA LEU A 169 -11.69 -22.52 19.69
C LEU A 169 -11.32 -22.44 21.17
N ARG A 170 -12.29 -21.98 21.98
CA ARG A 170 -12.09 -21.70 23.39
C ARG A 170 -11.52 -22.83 24.25
N ASP A 171 -11.71 -24.10 23.88
CA ASP A 171 -11.35 -25.20 24.81
C ASP A 171 -9.96 -25.76 24.63
N PHE A 172 -9.29 -25.40 23.54
CA PHE A 172 -7.94 -25.86 23.35
C PHE A 172 -7.05 -25.24 24.42
N ASP A 173 -6.07 -26.01 24.84
CA ASP A 173 -5.12 -25.59 25.87
C ASP A 173 -4.03 -24.67 25.24
N GLU A 174 -2.94 -24.46 25.99
CA GLU A 174 -1.93 -23.48 25.59
C GLU A 174 -1.10 -23.83 24.34
N HIS A 175 -1.38 -24.93 23.70
CA HIS A 175 -0.76 -25.14 22.43
C HIS A 175 -1.34 -24.20 21.39
N LEU A 176 -2.51 -23.62 21.65
CA LEU A 176 -3.08 -22.75 20.67
C LEU A 176 -2.90 -21.29 21.09
N LEU A 177 -2.37 -20.48 20.15
CA LEU A 177 -2.22 -19.05 20.33
C LEU A 177 -3.10 -18.38 19.30
N PHE A 178 -3.52 -17.16 19.57
CA PHE A 178 -4.15 -16.32 18.56
C PHE A 178 -3.25 -15.09 18.25
N ALA A 179 -3.33 -14.60 17.01
CA ALA A 179 -2.64 -13.40 16.48
C ALA A 179 -3.71 -12.58 15.76
N GLY A 180 -3.83 -11.31 16.13
CA GLY A 180 -5.06 -10.58 15.85
C GLY A 180 -5.17 -10.05 14.48
N THR A 181 -4.00 -9.87 13.87
CA THR A 181 -3.92 -9.37 12.49
C THR A 181 -2.77 -9.99 11.77
N ASN A 182 -2.52 -9.58 10.54
CA ASN A 182 -1.34 -10.08 9.82
C ASN A 182 -0.31 -8.99 9.60
N GLU A 183 -0.47 -8.14 8.61
CA GLU A 183 0.46 -7.10 8.31
C GLU A 183 -0.30 -5.79 8.15
N PRO A 184 -0.98 -5.33 9.20
CA PRO A 184 -1.66 -4.08 9.16
C PRO A 184 -0.84 -2.94 8.60
N ASN A 185 -1.39 -2.28 7.61
CA ASN A 185 -0.68 -1.28 6.88
C ASN A 185 -0.75 0.07 7.62
N ALA A 186 0.04 0.22 8.68
CA ALA A 186 0.11 1.46 9.45
C ALA A 186 1.47 2.01 9.11
N GLU A 187 1.49 3.19 8.47
CA GLU A 187 2.73 3.83 7.99
C GLU A 187 3.21 5.06 8.88
N ASN A 188 2.35 5.55 9.79
CA ASN A 188 2.59 6.79 10.56
C ASN A 188 1.83 6.70 11.88
N ALA A 189 2.14 7.61 12.82
CA ALA A 189 1.48 7.65 14.14
C ALA A 189 -0.05 7.67 14.17
N GLU A 190 -0.69 8.45 13.31
CA GLU A 190 -2.13 8.45 13.24
C GLU A 190 -2.66 7.00 12.92
N GLN A 191 -2.03 6.35 11.96
CA GLN A 191 -2.45 5.01 11.58
C GLN A 191 -2.07 4.05 12.68
N MET A 192 -0.92 4.26 13.30
CA MET A 192 -0.60 3.43 14.47
C MET A 192 -1.67 3.48 15.56
N ASP A 193 -2.30 4.63 15.81
CA ASP A 193 -3.31 4.74 16.89
C ASP A 193 -4.59 3.96 16.54
N VAL A 194 -4.98 4.05 15.27
CA VAL A 194 -5.99 3.14 14.73
C VAL A 194 -5.61 1.67 14.87
N LEU A 195 -4.43 1.31 14.41
CA LEU A 195 -3.97 -0.10 14.63
C LEU A 195 -4.03 -0.50 16.11
N ASN A 196 -3.67 0.43 17.04
CA ASN A 196 -3.74 0.08 18.53
C ASN A 196 -5.14 -0.21 18.93
N SER A 197 -6.09 0.55 18.38
CA SER A 197 -7.47 0.28 18.62
C SER A 197 -7.84 -1.17 18.15
N TYR A 198 -7.44 -1.50 16.92
CA TYR A 198 -7.77 -2.79 16.34
C TYR A 198 -7.21 -3.93 17.24
N LEU A 199 -6.06 -3.70 17.82
CA LEU A 199 -5.44 -4.72 18.66
C LEU A 199 -6.16 -4.86 19.99
N GLN A 200 -6.64 -3.74 20.52
CA GLN A 200 -7.40 -3.71 21.77
C GLN A 200 -8.68 -4.49 21.63
N THR A 201 -9.52 -4.15 20.64
CA THR A 201 -10.72 -4.92 20.33
C THR A 201 -10.47 -6.44 20.20
N PHE A 202 -9.36 -6.79 19.59
CA PHE A 202 -8.94 -8.19 19.47
C PHE A 202 -8.69 -8.85 20.82
N VAL A 203 -7.97 -8.13 21.67
CA VAL A 203 -7.76 -8.62 23.03
C VAL A 203 -9.10 -8.72 23.78
N ASP A 204 -9.86 -7.64 23.80
CA ASP A 204 -11.12 -7.55 24.56
C ASP A 204 -12.09 -8.69 24.12
N ALA A 205 -12.25 -8.85 22.79
CA ALA A 205 -13.10 -9.86 22.17
C ALA A 205 -12.74 -11.24 22.71
N VAL A 206 -11.48 -11.60 22.53
CA VAL A 206 -11.00 -12.89 22.96
C VAL A 206 -11.24 -13.11 24.45
N ARG A 207 -10.79 -12.21 25.30
CA ARG A 207 -11.01 -12.32 26.77
C ARG A 207 -12.50 -12.42 27.20
N SER A 208 -13.41 -11.63 26.61
CA SER A 208 -14.85 -11.70 26.97
C SER A 208 -15.58 -13.08 26.82
N THR A 209 -14.98 -14.01 26.08
CA THR A 209 -15.54 -15.33 25.81
C THR A 209 -15.15 -16.30 26.96
N GLY A 210 -14.30 -15.85 27.86
CA GLY A 210 -13.93 -16.62 29.04
C GLY A 210 -13.29 -17.95 28.74
N GLY A 211 -13.55 -18.92 29.59
CA GLY A 211 -12.88 -20.18 29.46
C GLY A 211 -11.38 -19.96 29.42
N LYS A 212 -10.71 -20.78 28.63
CA LYS A 212 -9.28 -20.74 28.56
C LYS A 212 -8.83 -19.48 27.80
N ASN A 213 -9.76 -18.83 27.13
CA ASN A 213 -9.49 -17.58 26.48
C ASN A 213 -9.25 -16.40 27.41
N ALA A 214 -9.45 -16.55 28.72
CA ALA A 214 -9.09 -15.50 29.68
C ALA A 214 -7.56 -15.43 29.93
N TYR A 215 -6.88 -16.56 29.76
CA TYR A 215 -5.46 -16.69 30.00
C TYR A 215 -4.60 -16.96 28.77
N ARG A 216 -5.21 -17.13 27.60
CA ARG A 216 -4.51 -17.59 26.41
C ARG A 216 -3.50 -16.54 25.90
N VAL A 217 -2.31 -17.02 25.56
CA VAL A 217 -1.28 -16.15 25.01
C VAL A 217 -1.78 -15.65 23.65
N LEU A 218 -1.91 -14.33 23.55
CA LEU A 218 -2.19 -13.57 22.32
C LEU A 218 -0.93 -12.84 21.71
N VAL A 219 -0.93 -12.69 20.39
CA VAL A 219 0.20 -12.20 19.63
C VAL A 219 -0.31 -10.98 18.89
N LEU A 220 0.36 -9.86 19.05
CA LEU A 220 -0.05 -8.55 18.48
C LEU A 220 0.94 -8.04 17.41
N GLN A 221 0.44 -7.37 16.38
CA GLN A 221 1.31 -7.14 15.26
C GLN A 221 1.80 -5.70 15.23
N GLY A 222 3.08 -5.59 14.86
CA GLY A 222 3.74 -4.29 14.65
C GLY A 222 3.20 -3.72 13.38
N PRO A 223 3.34 -2.44 13.21
CA PRO A 223 2.82 -1.84 11.94
C PRO A 223 3.53 -2.42 10.74
N VAL A 224 2.73 -2.94 9.80
CA VAL A 224 3.24 -3.67 8.68
C VAL A 224 4.13 -4.87 9.05
N THR A 225 4.10 -5.32 10.31
CA THR A 225 5.09 -6.27 10.78
C THR A 225 6.55 -5.91 10.34
N ASP A 226 6.78 -4.63 10.06
CA ASP A 226 8.06 -4.13 9.69
C ASP A 226 8.83 -3.71 10.96
N ILE A 227 10.01 -4.29 11.13
CA ILE A 227 10.89 -3.94 12.25
C ILE A 227 11.15 -2.44 12.47
N GLU A 228 11.49 -1.72 11.41
CA GLU A 228 11.85 -0.32 11.53
C GLU A 228 10.68 0.53 12.03
N LYS A 229 9.53 0.37 11.37
CA LYS A 229 8.33 1.16 11.68
C LYS A 229 7.78 0.75 13.06
N THR A 230 7.90 -0.51 13.45
CA THR A 230 7.60 -0.89 14.79
C THR A 230 8.43 -0.11 15.78
N ASN A 231 9.75 -0.25 15.69
CA ASN A 231 10.68 0.49 16.59
C ASN A 231 10.31 2.00 16.68
N GLU A 232 10.16 2.61 15.51
CA GLU A 232 9.63 3.94 15.35
C GLU A 232 8.27 4.20 16.04
N LEU A 233 7.21 3.45 15.69
CA LEU A 233 5.86 3.86 16.03
C LEU A 233 5.21 3.17 17.23
N TRP A 234 5.66 1.98 17.60
CA TRP A 234 4.99 1.23 18.65
C TRP A 234 5.13 2.00 19.95
N THR A 235 4.16 1.82 20.86
CA THR A 235 4.05 2.53 22.13
C THR A 235 3.81 1.54 23.27
N HIS A 236 2.57 1.08 23.45
CA HIS A 236 2.24 0.11 24.54
C HIS A 236 1.45 -1.12 24.01
N MET A 237 1.64 -2.30 24.60
CA MET A 237 0.67 -3.39 24.48
C MET A 237 -0.76 -2.96 24.81
N PRO A 238 -1.75 -3.56 24.13
CA PRO A 238 -3.10 -3.25 24.56
C PRO A 238 -3.29 -3.66 26.03
N ALA A 239 -4.28 -3.05 26.68
CA ALA A 239 -4.56 -3.46 28.05
C ALA A 239 -5.17 -4.85 28.05
N ASP A 240 -4.79 -5.63 29.05
CA ASP A 240 -5.23 -6.99 29.23
C ASP A 240 -5.62 -7.22 30.72
N THR A 241 -6.68 -8.00 30.97
CA THR A 241 -7.00 -8.55 32.29
C THR A 241 -6.02 -9.65 32.62
N ALA A 242 -5.50 -10.34 31.63
CA ALA A 242 -4.45 -11.38 31.90
C ALA A 242 -3.06 -10.73 32.18
N THR A 243 -2.18 -11.47 32.86
CA THR A 243 -0.83 -11.01 33.22
C THR A 243 0.22 -11.85 32.53
N ASP A 244 1.10 -11.17 31.75
CA ASP A 244 2.25 -11.77 31.05
C ASP A 244 1.83 -12.85 30.06
N ARG A 245 0.83 -12.49 29.27
CA ARG A 245 0.24 -13.35 28.27
C ARG A 245 0.17 -12.73 26.85
N LEU A 246 1.10 -11.84 26.52
CA LEU A 246 1.22 -11.19 25.19
C LEU A 246 2.62 -11.30 24.58
N MET A 247 2.65 -11.53 23.26
CA MET A 247 3.83 -11.54 22.46
C MET A 247 3.65 -10.48 21.40
N ALA A 248 4.78 -10.09 20.78
CA ALA A 248 4.73 -9.17 19.61
C ALA A 248 5.08 -9.92 18.36
N GLU A 249 4.62 -9.44 17.22
CA GLU A 249 4.96 -10.08 15.99
C GLU A 249 5.56 -9.11 14.93
N VAL A 250 6.68 -9.55 14.33
CA VAL A 250 7.24 -8.92 13.12
C VAL A 250 7.45 -9.98 12.04
N HIS A 251 7.50 -9.54 10.79
CA HIS A 251 7.93 -10.38 9.67
C HIS A 251 9.29 -9.91 9.10
N PHE A 252 9.86 -10.68 8.17
CA PHE A 252 11.20 -10.45 7.65
C PHE A 252 11.46 -10.98 6.28
N TYR A 253 11.53 -10.07 5.32
CA TYR A 253 11.86 -10.38 3.96
C TYR A 253 12.98 -9.43 3.47
N THR A 254 13.86 -9.06 4.36
CA THR A 254 14.94 -8.13 4.07
C THR A 254 16.20 -8.88 3.63
N PRO A 255 16.78 -8.54 2.50
CA PRO A 255 16.36 -7.43 1.66
C PRO A 255 15.41 -7.91 0.59
N TYR A 256 14.41 -7.12 0.26
CA TYR A 256 13.45 -7.48 -0.80
C TYR A 256 14.09 -8.03 -2.06
N ASN A 257 15.14 -7.36 -2.49
CA ASN A 257 15.81 -7.63 -3.76
C ASN A 257 16.25 -9.11 -3.90
N PHE A 258 16.76 -9.65 -2.81
CA PHE A 258 17.09 -11.09 -2.74
C PHE A 258 15.86 -11.96 -2.50
N ALA A 259 15.09 -11.66 -1.46
CA ALA A 259 14.00 -12.50 -0.96
C ALA A 259 12.76 -12.68 -1.81
N LEU A 260 12.29 -11.63 -2.46
CA LEU A 260 11.04 -11.66 -3.24
C LEU A 260 11.06 -10.97 -4.60
N MET A 261 12.08 -10.23 -4.94
CA MET A 261 12.06 -9.49 -6.20
C MET A 261 12.26 -10.44 -7.39
N ARG A 262 11.36 -10.29 -8.37
CA ARG A 262 11.16 -11.19 -9.50
C ARG A 262 11.59 -10.60 -10.82
N GLN A 263 11.56 -9.27 -10.92
CA GLN A 263 12.08 -8.54 -12.11
C GLN A 263 12.84 -7.37 -11.60
N ASP A 264 13.73 -6.85 -12.45
CA ASP A 264 14.37 -5.55 -12.17
C ASP A 264 13.44 -4.37 -12.42
N GLU A 265 13.53 -3.39 -11.55
CA GLU A 265 12.92 -2.11 -11.77
C GLU A 265 14.06 -1.12 -12.05
N SER A 266 13.66 0.08 -12.47
CA SER A 266 14.57 1.22 -12.66
C SER A 266 15.35 1.59 -11.36
N TRP A 267 14.71 1.39 -10.22
CA TRP A 267 15.29 1.76 -8.92
C TRP A 267 16.22 0.75 -8.27
N GLY A 268 16.27 -0.47 -8.80
CA GLY A 268 17.19 -1.49 -8.26
C GLY A 268 17.08 -2.80 -9.00
N LYS A 269 18.14 -3.61 -8.89
CA LYS A 269 18.20 -4.93 -9.48
C LYS A 269 17.96 -6.10 -8.46
N GLN A 270 17.38 -7.19 -8.95
CA GLN A 270 17.18 -8.40 -8.16
C GLN A 270 18.53 -8.85 -7.66
N PHE A 271 18.64 -9.33 -6.42
CA PHE A 271 19.83 -10.09 -5.97
C PHE A 271 19.63 -11.61 -6.11
N TYR A 272 20.51 -12.29 -6.85
CA TYR A 272 20.49 -13.75 -6.94
C TYR A 272 21.30 -14.41 -5.84
N TYR A 273 22.16 -13.65 -5.18
CA TYR A 273 23.21 -14.24 -4.30
C TYR A 273 23.22 -13.50 -3.01
N TRP A 274 23.71 -14.14 -1.94
CA TRP A 274 23.67 -13.51 -0.64
C TRP A 274 24.58 -14.27 0.28
N GLY A 275 25.16 -13.55 1.22
CA GLY A 275 26.00 -14.05 2.29
C GLY A 275 27.49 -14.14 1.97
N GLU A 276 28.33 -13.80 2.95
N GLU A 276 28.33 -13.79 2.95
CA GLU A 276 29.78 -14.02 2.79
CA GLU A 276 29.79 -14.06 2.93
C GLU A 276 30.07 -15.47 2.40
C GLU A 276 30.14 -15.49 2.45
N GLY A 277 30.84 -15.63 1.33
CA GLY A 277 31.24 -16.92 0.83
C GLY A 277 30.58 -17.32 -0.48
N PHE A 278 29.51 -16.61 -0.85
CA PHE A 278 28.65 -17.04 -1.88
C PHE A 278 28.32 -15.88 -2.79
N LEU A 279 29.20 -14.89 -2.89
CA LEU A 279 28.98 -13.82 -3.86
C LEU A 279 29.61 -14.17 -5.19
N SER A 280 29.03 -13.63 -6.25
CA SER A 280 29.56 -13.88 -7.57
C SER A 280 30.72 -12.94 -7.90
N THR A 281 31.57 -13.40 -8.81
CA THR A 281 32.56 -12.54 -9.44
C THR A 281 32.34 -12.29 -10.95
N THR A 282 31.54 -13.10 -11.65
CA THR A 282 31.23 -12.82 -13.08
C THR A 282 30.09 -11.77 -13.15
N ASP A 283 28.83 -12.18 -12.88
CA ASP A 283 27.67 -11.25 -12.68
C ASP A 283 27.54 -10.63 -11.26
N THR A 284 28.42 -9.67 -10.95
CA THR A 284 28.46 -8.95 -9.63
C THR A 284 27.32 -8.00 -9.31
N GLU A 285 26.55 -7.63 -10.34
CA GLU A 285 25.34 -6.83 -10.21
C GLU A 285 24.13 -7.57 -9.51
N ARG A 286 24.23 -8.89 -9.40
CA ARG A 286 23.28 -9.73 -8.66
C ARG A 286 23.73 -10.07 -7.26
N ASN A 287 24.87 -9.52 -6.84
CA ASN A 287 25.25 -9.50 -5.40
C ASN A 287 24.49 -8.39 -4.69
N PRO A 288 24.34 -8.51 -3.35
CA PRO A 288 23.65 -7.46 -2.56
C PRO A 288 24.37 -6.14 -2.55
N THR A 289 23.64 -5.06 -2.74
CA THR A 289 24.12 -3.70 -2.46
C THR A 289 23.80 -3.35 -1.05
N TRP A 290 23.03 -4.18 -0.34
CA TRP A 290 22.59 -3.93 1.07
C TRP A 290 21.91 -5.18 1.70
N GLY A 291 21.53 -5.13 2.97
CA GLY A 291 20.69 -6.19 3.57
C GLY A 291 21.44 -7.49 3.75
N GLU A 292 22.66 -7.36 4.26
CA GLU A 292 23.51 -8.50 4.49
C GLU A 292 23.62 -8.64 5.99
N GLU A 293 24.40 -9.66 6.39
CA GLU A 293 24.55 -10.08 7.78
C GLU A 293 24.43 -9.03 8.86
N ALA A 294 25.24 -7.98 8.76
CA ALA A 294 25.22 -6.95 9.79
C ALA A 294 23.87 -6.24 9.94
N THR A 295 23.18 -5.99 8.82
CA THR A 295 21.90 -5.32 8.89
C THR A 295 20.88 -6.17 9.63
N ILE A 296 20.80 -7.44 9.31
CA ILE A 296 19.95 -8.43 10.03
C ILE A 296 20.25 -8.38 11.52
N ASP A 297 21.53 -8.50 11.86
CA ASP A 297 22.00 -8.37 13.25
C ASP A 297 21.40 -7.12 13.89
N GLN A 298 21.47 -6.01 13.17
CA GLN A 298 21.02 -4.72 13.63
C GLN A 298 19.50 -4.64 13.85
N LEU A 299 18.73 -5.08 12.85
CA LEU A 299 17.28 -5.04 12.99
C LEU A 299 16.82 -5.97 14.14
N PHE A 300 17.35 -7.18 14.19
CA PHE A 300 16.90 -8.12 15.21
C PHE A 300 17.25 -7.55 16.54
N ASP A 301 18.36 -6.81 16.65
CA ASP A 301 18.69 -6.04 17.92
C ASP A 301 17.67 -4.96 18.29
N LEU A 302 17.15 -4.24 17.30
CA LEU A 302 16.04 -3.37 17.59
C LEU A 302 14.86 -4.06 18.33
N MET A 303 14.56 -5.31 18.02
CA MET A 303 13.37 -5.92 18.64
C MET A 303 13.74 -6.52 19.99
N LYS A 304 14.97 -7.00 20.11
CA LYS A 304 15.52 -7.50 21.43
C LYS A 304 15.33 -6.45 22.52
N THR A 305 15.77 -5.23 22.17
CA THR A 305 15.65 -4.02 23.02
C THR A 305 14.20 -3.60 23.28
N LYS A 306 13.38 -3.49 22.25
CA LYS A 306 12.04 -2.92 22.42
C LYS A 306 11.04 -3.83 23.18
N PHE A 307 11.23 -5.15 23.11
CA PHE A 307 10.30 -6.15 23.56
C PHE A 307 11.02 -7.25 24.36
N VAL A 308 11.91 -8.01 23.74
CA VAL A 308 12.44 -9.21 24.43
C VAL A 308 12.96 -8.82 25.82
N ASP A 309 13.79 -7.78 25.89
CA ASP A 309 14.37 -7.28 27.18
C ASP A 309 13.40 -6.61 28.13
N GLN A 310 12.25 -6.15 27.63
CA GLN A 310 11.12 -5.82 28.53
C GLN A 310 10.22 -7.04 28.93
N GLY A 311 10.68 -8.28 28.68
CA GLY A 311 9.92 -9.49 29.04
C GLY A 311 8.70 -9.82 28.16
N ILE A 312 8.78 -9.44 26.87
CA ILE A 312 7.74 -9.63 25.83
C ILE A 312 8.38 -10.36 24.65
N PRO A 313 8.03 -11.66 24.46
CA PRO A 313 8.64 -12.35 23.38
C PRO A 313 8.17 -11.76 22.07
N VAL A 314 9.01 -11.96 21.05
CA VAL A 314 8.76 -11.58 19.69
C VAL A 314 8.58 -12.78 18.78
N VAL A 315 7.40 -12.86 18.16
CA VAL A 315 7.23 -13.80 17.05
C VAL A 315 7.70 -13.20 15.74
N LEU A 316 8.68 -13.89 15.13
CA LEU A 316 9.11 -13.64 13.76
C LEU A 316 8.19 -14.53 12.84
N GLY A 317 7.07 -13.96 12.45
CA GLY A 317 5.89 -14.73 12.01
C GLY A 317 6.00 -15.30 10.65
N GLU A 318 6.81 -14.60 9.84
CA GLU A 318 7.16 -14.97 8.50
C GLU A 318 8.60 -14.51 8.12
N PHE A 319 9.35 -15.40 7.43
CA PHE A 319 10.51 -15.08 6.61
C PHE A 319 10.72 -16.19 5.64
N SER A 320 11.20 -15.84 4.45
CA SER A 320 11.82 -16.79 3.49
C SER A 320 12.26 -16.05 2.24
N ALA A 321 13.29 -16.59 1.61
CA ALA A 321 13.78 -16.08 0.34
C ALA A 321 13.45 -17.07 -0.75
N MET A 322 12.81 -16.58 -1.80
CA MET A 322 12.29 -17.50 -2.80
C MET A 322 13.37 -18.22 -3.60
N ARG A 323 13.02 -19.37 -4.18
CA ARG A 323 13.94 -20.13 -5.06
C ARG A 323 13.90 -19.48 -6.43
N ARG A 324 15.08 -19.37 -7.04
CA ARG A 324 15.23 -18.91 -8.43
C ARG A 324 15.73 -20.08 -9.31
N THR A 325 14.84 -20.98 -9.64
CA THR A 325 15.15 -22.15 -10.45
C THR A 325 15.12 -21.81 -11.95
N ASN A 326 14.71 -20.60 -12.32
CA ASN A 326 14.92 -20.05 -13.65
C ASN A 326 16.40 -19.78 -13.93
N LEU A 327 17.26 -19.85 -12.93
CA LEU A 327 18.68 -19.83 -13.15
C LEU A 327 19.14 -21.21 -13.61
N THR A 328 20.34 -21.23 -14.15
CA THR A 328 20.91 -22.44 -14.64
C THR A 328 22.40 -22.31 -14.35
N GLY A 329 23.05 -23.45 -14.09
CA GLY A 329 24.49 -23.56 -14.20
C GLY A 329 25.18 -23.37 -12.89
N ASP A 330 26.37 -22.80 -12.98
CA ASP A 330 27.06 -22.20 -11.84
C ASP A 330 26.24 -21.13 -11.07
N ALA A 331 25.51 -20.32 -11.83
CA ALA A 331 24.56 -19.38 -11.31
C ALA A 331 23.56 -20.03 -10.31
N LEU A 332 22.89 -21.09 -10.73
CA LEU A 332 21.91 -21.81 -9.87
C LEU A 332 22.63 -22.30 -8.60
N THR A 333 23.72 -22.99 -8.81
CA THR A 333 24.42 -23.62 -7.71
C THR A 333 24.77 -22.53 -6.69
N LEU A 334 25.20 -21.37 -7.17
CA LEU A 334 25.61 -20.30 -6.22
C LEU A 334 24.44 -19.72 -5.46
N HIS A 335 23.41 -19.31 -6.20
CA HIS A 335 22.16 -18.85 -5.64
C HIS A 335 21.67 -19.76 -4.50
N LEU A 336 21.50 -21.04 -4.80
CA LEU A 336 20.97 -21.99 -3.84
C LEU A 336 21.83 -22.13 -2.59
N ALA A 337 23.15 -22.03 -2.77
CA ALA A 337 24.02 -22.02 -1.59
C ALA A 337 23.73 -20.78 -0.69
N GLY A 338 23.53 -19.63 -1.32
CA GLY A 338 23.28 -18.40 -0.57
C GLY A 338 21.94 -18.37 0.13
N ARG A 339 20.90 -18.76 -0.63
CA ARG A 339 19.51 -19.00 -0.17
C ARG A 339 19.51 -19.88 1.08
N ALA A 340 20.17 -21.02 0.94
CA ALA A 340 20.22 -21.92 2.07
C ALA A 340 20.79 -21.19 3.23
N TYR A 341 21.94 -20.50 3.11
CA TYR A 341 22.59 -19.86 4.31
C TYR A 341 21.78 -18.74 4.95
N TYR A 342 21.12 -17.97 4.09
CA TYR A 342 20.25 -16.87 4.54
C TYR A 342 19.20 -17.34 5.61
N HIS A 343 18.57 -18.47 5.33
CA HIS A 343 17.59 -19.07 6.22
C HIS A 343 18.28 -19.54 7.48
N LYS A 344 19.45 -20.14 7.31
CA LYS A 344 20.27 -20.56 8.50
C LYS A 344 20.58 -19.40 9.37
N TYR A 345 21.01 -18.29 8.74
CA TYR A 345 21.47 -17.10 9.50
C TYR A 345 20.32 -16.39 10.22
N VAL A 346 19.27 -16.14 9.47
CA VAL A 346 18.08 -15.54 10.07
C VAL A 346 17.54 -16.44 11.17
N THR A 347 17.46 -17.76 10.91
CA THR A 347 16.89 -18.64 11.96
C THR A 347 17.77 -18.46 13.19
N GLN A 348 19.05 -18.79 13.03
CA GLN A 348 20.07 -18.68 14.12
C GLN A 348 20.17 -17.33 14.81
N GLN A 349 20.34 -16.24 14.04
CA GLN A 349 20.39 -14.89 14.69
C GLN A 349 19.10 -14.43 15.38
N ALA A 350 17.92 -14.75 14.82
CA ALA A 350 16.65 -14.48 15.56
C ALA A 350 16.62 -15.23 16.90
N LEU A 351 16.95 -16.50 16.88
CA LEU A 351 16.91 -17.26 18.12
C LEU A 351 17.87 -16.65 19.09
N ALA A 352 19.09 -16.37 18.64
CA ALA A 352 20.10 -15.75 19.49
C ALA A 352 19.56 -14.59 20.25
N ARG A 353 18.61 -13.83 19.67
CA ARG A 353 18.06 -12.61 20.28
C ARG A 353 16.62 -12.73 20.72
N GLY A 354 16.09 -13.95 20.96
CA GLY A 354 14.77 -14.07 21.59
C GLY A 354 13.59 -13.93 20.64
N LEU A 355 13.87 -13.97 19.32
CA LEU A 355 12.84 -13.98 18.30
C LEU A 355 12.59 -15.42 17.83
N LEU A 356 11.31 -15.78 17.73
CA LEU A 356 10.92 -17.19 17.43
C LEU A 356 10.63 -17.22 15.98
N PRO A 357 11.46 -17.90 15.19
CA PRO A 357 11.36 -17.85 13.78
C PRO A 357 10.40 -18.86 13.05
N PHE A 358 9.50 -18.31 12.21
CA PHE A 358 8.53 -19.12 11.52
C PHE A 358 8.68 -18.91 10.04
N TYR A 359 9.11 -19.98 9.35
CA TYR A 359 9.45 -20.04 7.97
C TYR A 359 8.15 -19.80 7.11
N TRP A 360 8.20 -18.93 6.12
CA TRP A 360 7.05 -18.73 5.27
C TRP A 360 7.08 -19.75 4.09
N ASP A 361 6.10 -20.68 4.04
CA ASP A 361 6.08 -21.77 3.05
C ASP A 361 4.81 -21.63 2.22
N ASN A 362 4.89 -21.23 0.97
CA ASN A 362 3.63 -21.02 0.21
C ASN A 362 3.18 -22.31 -0.54
N GLY A 363 3.85 -23.43 -0.21
CA GLY A 363 3.56 -24.69 -0.75
C GLY A 363 4.19 -24.96 -2.09
N GLY A 364 4.49 -23.93 -2.88
CA GLY A 364 5.01 -24.13 -4.24
C GLY A 364 6.38 -24.76 -4.28
N ASN A 365 6.63 -25.56 -5.33
CA ASN A 365 7.92 -26.18 -5.63
C ASN A 365 8.44 -25.62 -6.92
N ASP A 366 7.72 -24.71 -7.55
CA ASP A 366 8.20 -24.19 -8.83
C ASP A 366 9.10 -22.98 -8.57
N ASN A 367 9.41 -22.22 -9.63
CA ASN A 367 10.21 -21.01 -9.54
C ASN A 367 9.48 -19.89 -8.80
N PHE A 368 10.25 -19.02 -8.14
CA PHE A 368 9.75 -17.89 -7.32
C PHE A 368 8.84 -18.35 -6.16
N SER A 369 8.88 -19.64 -5.81
CA SER A 369 8.05 -20.19 -4.71
C SER A 369 8.90 -20.43 -3.45
N SER A 370 8.27 -20.87 -2.37
CA SER A 370 8.91 -21.10 -1.11
C SER A 370 8.57 -22.42 -0.43
N GLY A 371 7.89 -23.34 -1.11
CA GLY A 371 7.53 -24.63 -0.48
C GLY A 371 8.75 -25.48 -0.23
N ILE A 372 8.95 -25.96 0.97
CA ILE A 372 10.04 -26.92 1.22
C ILE A 372 9.50 -28.34 1.26
N PHE A 373 8.19 -28.48 1.58
CA PHE A 373 7.45 -29.77 1.39
C PHE A 373 6.70 -29.83 0.09
N ASN A 374 6.52 -31.05 -0.36
CA ASN A 374 5.74 -31.39 -1.53
C ASN A 374 4.42 -31.80 -0.92
N ARG A 375 3.44 -30.91 -1.01
CA ARG A 375 2.12 -31.09 -0.31
C ARG A 375 1.32 -32.24 -0.96
N GLN A 376 1.49 -32.42 -2.25
CA GLN A 376 0.78 -33.48 -2.93
C GLN A 376 1.16 -34.86 -2.37
N GLN A 377 2.43 -35.03 -2.00
N GLN A 377 2.44 -35.11 -2.08
CA GLN A 377 3.03 -36.33 -1.68
CA GLN A 377 2.88 -36.45 -1.62
C GLN A 377 3.36 -36.49 -0.17
C GLN A 377 3.35 -36.51 -0.16
N ASN A 378 3.19 -35.43 0.61
CA ASN A 378 3.68 -35.39 1.99
C ASN A 378 5.18 -35.78 2.19
N THR A 379 6.01 -35.25 1.29
CA THR A 379 7.49 -35.43 1.31
C THR A 379 8.27 -34.09 1.25
N VAL A 380 9.56 -34.20 1.58
CA VAL A 380 10.52 -33.09 1.55
C VAL A 380 10.91 -32.86 0.13
N PHE A 381 10.72 -31.64 -0.33
CA PHE A 381 11.18 -31.18 -1.62
C PHE A 381 12.51 -30.47 -1.55
N ASP A 382 12.72 -29.66 -0.53
CA ASP A 382 13.90 -28.83 -0.49
C ASP A 382 14.66 -29.16 0.73
N GLN A 383 15.38 -30.28 0.68
CA GLN A 383 16.11 -30.78 1.90
C GLN A 383 17.17 -29.73 2.39
N GLN A 384 17.72 -28.99 1.45
CA GLN A 384 18.84 -28.12 1.69
C GLN A 384 18.42 -26.90 2.50
N VAL A 385 17.25 -26.32 2.18
CA VAL A 385 16.68 -25.29 3.06
C VAL A 385 16.17 -25.85 4.38
N LEU A 386 15.53 -27.04 4.38
CA LEU A 386 15.13 -27.67 5.69
C LEU A 386 16.37 -27.89 6.59
N ASP A 387 17.43 -28.41 5.99
CA ASP A 387 18.75 -28.52 6.69
C ASP A 387 19.25 -27.19 7.36
N ALA A 388 19.21 -26.08 6.63
CA ALA A 388 19.58 -24.73 7.14
C ALA A 388 18.80 -24.23 8.35
N LEU A 389 17.46 -24.40 8.27
CA LEU A 389 16.60 -23.99 9.38
C LEU A 389 16.97 -24.87 10.55
N LEU A 390 17.11 -26.14 10.28
CA LEU A 390 17.42 -27.06 11.36
C LEU A 390 18.80 -26.79 11.99
N GLU A 391 19.86 -26.73 11.18
CA GLU A 391 21.23 -26.40 11.68
C GLU A 391 21.17 -25.04 12.37
N GLY A 392 20.49 -24.06 11.77
CA GLY A 392 20.25 -22.78 12.39
C GLY A 392 19.52 -22.80 13.73
N ALA A 393 18.56 -23.72 13.91
CA ALA A 393 17.98 -23.92 15.27
C ALA A 393 18.84 -24.79 16.18
N GLY A 394 19.58 -25.75 15.60
CA GLY A 394 20.30 -26.78 16.40
C GLY A 394 21.73 -26.39 16.70
N ALA A 395 21.94 -25.15 17.16
CA ALA A 395 23.27 -24.56 17.22
C ALA A 395 23.16 -23.14 17.72
N LEU B 25 -27.54 -0.58 -3.01
CA LEU B 25 -26.77 -0.10 -1.82
C LEU B 25 -27.08 1.40 -1.54
N TYR B 26 -27.10 2.20 -2.58
CA TYR B 26 -27.36 3.61 -2.43
C TYR B 26 -28.47 3.92 -3.42
N PRO B 27 -29.13 5.06 -3.25
CA PRO B 27 -30.15 5.52 -4.23
C PRO B 27 -29.51 6.26 -5.41
N SER B 28 -30.27 6.47 -6.48
CA SER B 28 -29.79 7.22 -7.61
C SER B 28 -29.61 8.68 -7.20
N TYR B 29 -28.55 9.33 -7.68
CA TYR B 29 -28.44 10.78 -7.61
C TYR B 29 -28.42 11.36 -9.04
N ASN B 30 -28.76 10.52 -10.03
CA ASN B 30 -29.06 11.02 -11.37
C ASN B 30 -30.59 11.17 -11.48
N THR B 31 -31.03 12.25 -10.86
CA THR B 31 -32.42 12.50 -10.60
C THR B 31 -32.87 13.79 -11.36
N SER B 32 -31.95 14.66 -11.82
CA SER B 32 -32.33 15.68 -12.85
C SER B 32 -31.66 15.56 -14.26
N PRO B 33 -31.72 14.36 -14.95
CA PRO B 33 -30.97 14.19 -16.22
C PRO B 33 -31.32 15.27 -17.24
N ALA B 34 -30.32 15.86 -17.89
CA ALA B 34 -30.52 16.98 -18.83
C ALA B 34 -30.33 16.49 -20.27
N ALA B 35 -30.56 17.40 -21.23
CA ALA B 35 -30.55 17.09 -22.67
C ALA B 35 -29.13 17.20 -23.22
N PRO B 36 -28.64 16.15 -23.93
CA PRO B 36 -27.29 16.22 -24.50
C PRO B 36 -27.03 17.54 -25.25
N ASP B 37 -26.28 18.43 -24.61
CA ASP B 37 -25.93 19.77 -25.11
C ASP B 37 -24.48 19.73 -25.71
N SER B 38 -24.16 20.71 -26.55
CA SER B 38 -22.80 20.91 -27.09
C SER B 38 -22.28 22.31 -26.73
N THR B 39 -23.08 23.15 -26.08
CA THR B 39 -22.84 24.62 -25.98
C THR B 39 -21.64 24.98 -25.05
N GLY B 40 -20.49 25.26 -25.67
CA GLY B 40 -19.19 25.44 -25.01
C GLY B 40 -18.33 24.18 -25.06
N MET B 41 -18.88 23.10 -25.62
CA MET B 41 -18.29 21.78 -25.52
C MET B 41 -17.63 21.35 -26.80
N GLN B 42 -17.21 22.32 -27.61
CA GLN B 42 -16.95 22.03 -29.02
C GLN B 42 -15.67 21.20 -29.24
N SER B 43 -14.72 21.22 -28.29
CA SER B 43 -13.40 20.58 -28.49
C SER B 43 -13.26 19.09 -28.20
N THR B 44 -12.31 18.49 -28.92
CA THR B 44 -11.92 17.09 -28.78
C THR B 44 -10.94 17.02 -27.59
N ALA B 45 -10.61 15.80 -27.16
CA ALA B 45 -9.63 15.67 -26.07
C ALA B 45 -8.32 16.30 -26.56
N VAL B 46 -7.80 15.80 -27.69
CA VAL B 46 -6.56 16.27 -28.38
C VAL B 46 -6.41 17.79 -28.56
N GLN B 47 -7.55 18.44 -28.76
CA GLN B 47 -7.62 19.87 -29.04
C GLN B 47 -7.75 20.70 -27.78
N LEU B 48 -8.22 20.07 -26.70
CA LEU B 48 -8.23 20.68 -25.42
C LEU B 48 -6.78 20.59 -24.92
N ALA B 49 -6.15 19.41 -25.11
CA ALA B 49 -4.72 19.21 -24.79
C ALA B 49 -3.91 20.31 -25.45
N GLY B 50 -4.16 20.46 -26.74
CA GLY B 50 -3.67 21.60 -27.51
C GLY B 50 -3.45 22.85 -26.73
N LYS B 51 -4.45 23.27 -25.94
CA LYS B 51 -4.48 24.63 -25.30
C LYS B 51 -3.92 24.73 -23.86
N ILE B 52 -3.40 23.61 -23.33
CA ILE B 52 -2.86 23.55 -21.98
C ILE B 52 -1.38 23.22 -22.10
N ARG B 53 -0.51 24.13 -21.67
CA ARG B 53 0.97 23.87 -21.64
C ARG B 53 1.57 23.71 -20.24
N LEU B 54 0.97 24.38 -19.26
CA LEU B 54 1.46 24.35 -17.90
C LEU B 54 0.30 24.43 -16.91
N GLY B 55 0.33 23.53 -15.91
CA GLY B 55 -0.68 23.50 -14.87
C GLY B 55 -0.08 23.39 -13.46
N TRP B 56 -0.95 23.72 -12.49
CA TRP B 56 -0.62 23.96 -11.09
C TRP B 56 -1.66 23.21 -10.23
N ASN B 57 -1.22 22.36 -9.30
CA ASN B 57 -2.14 21.78 -8.30
C ASN B 57 -2.44 22.68 -7.06
N ILE B 58 -3.70 22.84 -6.71
CA ILE B 58 -4.07 23.40 -5.42
C ILE B 58 -3.89 22.36 -4.29
N GLY B 59 -2.69 21.84 -4.13
CA GLY B 59 -2.48 20.73 -3.20
C GLY B 59 -2.71 21.07 -1.73
N ASN B 60 -2.93 20.03 -0.93
CA ASN B 60 -3.18 20.18 0.48
C ASN B 60 -4.28 21.20 0.87
N THR B 61 -5.38 21.27 0.11
CA THR B 61 -6.38 22.29 0.28
C THR B 61 -7.75 21.62 0.27
N MET B 62 -8.46 21.57 -0.88
CA MET B 62 -9.77 20.99 -0.90
C MET B 62 -9.81 19.49 -0.69
N GLU B 63 -8.69 18.78 -0.84
CA GLU B 63 -8.60 17.36 -0.44
C GLU B 63 -8.17 17.10 0.99
N ALA B 64 -7.94 18.17 1.77
CA ALA B 64 -7.49 18.05 3.18
C ALA B 64 -8.46 17.31 4.12
N ILE B 65 -7.93 16.36 4.86
CA ILE B 65 -8.68 15.61 5.80
C ILE B 65 -8.90 16.51 6.99
N GLY B 66 -10.19 16.77 7.30
CA GLY B 66 -10.61 17.68 8.38
C GLY B 66 -10.98 19.05 7.87
N GLY B 67 -11.15 19.19 6.54
CA GLY B 67 -11.54 20.46 5.90
C GLY B 67 -10.43 21.21 5.17
N GLU B 68 -10.85 22.16 4.33
CA GLU B 68 -9.98 22.95 3.42
C GLU B 68 -8.76 23.64 4.01
N THR B 69 -8.87 24.06 5.27
CA THR B 69 -7.80 24.71 6.01
C THR B 69 -6.99 23.75 6.88
N ALA B 70 -7.38 22.47 6.97
CA ALA B 70 -6.77 21.61 8.00
C ALA B 70 -5.32 21.22 7.75
N TRP B 71 -4.80 21.48 6.55
CA TRP B 71 -3.39 21.20 6.24
C TRP B 71 -2.55 22.46 6.02
N GLY B 72 -2.88 23.52 6.74
CA GLY B 72 -2.01 24.72 6.78
C GLY B 72 -2.24 25.72 5.66
N ASN B 73 -3.19 25.47 4.77
CA ASN B 73 -3.47 26.38 3.68
C ASN B 73 -4.74 27.08 3.95
N PRO B 74 -4.94 28.28 3.34
CA PRO B 74 -6.22 28.97 3.44
C PRO B 74 -7.13 28.54 2.33
N MET B 75 -8.37 28.97 2.45
CA MET B 75 -9.39 28.57 1.55
C MET B 75 -8.98 29.10 0.19
N VAL B 76 -9.38 28.39 -0.86
CA VAL B 76 -8.99 28.76 -2.19
C VAL B 76 -9.64 30.13 -2.40
N SER B 77 -8.87 31.10 -2.90
CA SER B 77 -9.34 32.50 -3.08
C SER B 77 -9.03 33.01 -4.49
N ASN B 78 -9.85 33.92 -4.99
CA ASN B 78 -9.58 34.60 -6.26
C ASN B 78 -8.20 35.31 -6.32
N GLU B 79 -7.79 36.04 -5.27
CA GLU B 79 -6.41 36.61 -5.24
C GLU B 79 -5.37 35.52 -5.59
N LEU B 80 -5.54 34.30 -5.04
CA LEU B 80 -4.60 33.16 -5.36
C LEU B 80 -4.77 32.72 -6.83
N LEU B 81 -5.99 32.53 -7.30
CA LEU B 81 -6.17 31.98 -8.65
C LEU B 81 -5.71 33.05 -9.72
N LYS B 82 -6.02 34.33 -9.43
CA LYS B 82 -5.52 35.51 -10.20
C LYS B 82 -4.00 35.49 -10.24
N LEU B 83 -3.37 35.22 -9.09
CA LEU B 83 -1.91 35.06 -9.08
C LEU B 83 -1.39 33.90 -9.95
N VAL B 84 -2.09 32.76 -9.93
CA VAL B 84 -1.71 31.58 -10.74
C VAL B 84 -1.78 31.90 -12.25
N LYS B 85 -2.87 32.55 -12.69
CA LYS B 85 -3.06 32.91 -14.12
C LYS B 85 -1.95 33.85 -14.56
N ASP B 86 -1.76 34.91 -13.77
CA ASP B 86 -0.74 35.94 -14.05
C ASP B 86 0.65 35.39 -14.05
N SER B 87 0.89 34.41 -13.20
CA SER B 87 2.19 33.77 -13.13
C SER B 87 2.61 32.97 -14.38
N GLY B 88 1.66 32.70 -15.28
CA GLY B 88 1.91 31.95 -16.50
C GLY B 88 1.38 30.53 -16.59
N PHE B 89 0.50 30.11 -15.66
CA PHE B 89 -0.16 28.79 -15.71
C PHE B 89 -1.46 28.95 -16.49
N ASP B 90 -1.82 27.88 -17.23
CA ASP B 90 -3.05 27.81 -18.08
C ASP B 90 -4.27 27.17 -17.38
N ALA B 91 -3.97 26.23 -16.49
CA ALA B 91 -4.91 25.35 -15.86
C ALA B 91 -4.55 25.13 -14.40
N VAL B 92 -5.55 24.75 -13.62
CA VAL B 92 -5.28 24.09 -12.35
C VAL B 92 -5.92 22.70 -12.23
N ARG B 93 -5.20 21.77 -11.58
CA ARG B 93 -5.77 20.55 -11.01
C ARG B 93 -6.11 20.79 -9.51
N ILE B 94 -7.35 20.47 -9.14
CA ILE B 94 -7.88 20.71 -7.83
C ILE B 94 -8.19 19.35 -7.24
N PRO B 95 -7.28 18.86 -6.43
CA PRO B 95 -7.63 17.69 -5.64
C PRO B 95 -8.81 18.00 -4.72
N VAL B 96 -9.87 17.18 -4.74
CA VAL B 96 -11.01 17.36 -3.84
C VAL B 96 -11.34 16.14 -3.02
N ALA B 97 -11.62 16.33 -1.72
CA ALA B 97 -12.07 15.22 -0.86
C ALA B 97 -13.58 15.27 -0.83
N TRP B 98 -14.21 14.15 -0.50
CA TRP B 98 -15.69 14.03 -0.59
C TRP B 98 -16.33 13.10 0.43
N ASP B 99 -15.76 11.93 0.60
CA ASP B 99 -16.29 11.00 1.55
C ASP B 99 -16.57 11.62 2.93
N GLN B 100 -15.63 12.43 3.43
CA GLN B 100 -15.74 13.07 4.73
C GLN B 100 -16.93 14.06 4.74
N TYR B 101 -17.39 14.53 3.59
CA TYR B 101 -18.57 15.37 3.56
C TYR B 101 -19.86 14.62 3.26
N ALA B 102 -19.84 13.29 3.28
CA ALA B 102 -21.00 12.53 2.89
C ALA B 102 -21.57 11.69 4.00
N ASN B 103 -22.88 11.42 3.87
CA ASN B 103 -23.56 10.52 4.78
C ASN B 103 -23.21 9.08 4.36
N GLN B 104 -22.69 8.31 5.29
CA GLN B 104 -22.21 6.98 5.00
C GLN B 104 -23.32 5.93 4.78
N GLU B 105 -24.58 6.33 5.01
CA GLU B 105 -25.75 5.46 4.78
C GLU B 105 -26.27 5.71 3.38
N SER B 106 -26.41 6.97 3.02
CA SER B 106 -27.06 7.31 1.74
C SER B 106 -26.07 7.53 0.62
N ALA B 107 -24.81 7.80 1.01
CA ALA B 107 -23.72 8.38 0.15
C ALA B 107 -23.98 9.84 -0.24
N GLU B 108 -24.77 10.53 0.57
CA GLU B 108 -25.28 11.84 0.16
C GLU B 108 -24.24 12.86 0.57
N ILE B 109 -23.92 13.72 -0.36
CA ILE B 109 -22.83 14.65 -0.15
C ILE B 109 -23.48 15.92 0.37
N SER B 110 -22.85 16.51 1.38
CA SER B 110 -23.27 17.80 1.92
C SER B 110 -23.55 18.79 0.77
N ALA B 111 -24.70 19.44 0.80
CA ALA B 111 -24.97 20.56 -0.14
C ALA B 111 -23.97 21.73 0.01
N ALA B 112 -23.65 22.09 1.27
CA ALA B 112 -22.71 23.18 1.58
C ALA B 112 -21.35 22.99 0.87
N TRP B 113 -20.92 21.74 0.72
CA TRP B 113 -19.61 21.44 0.15
C TRP B 113 -19.74 21.51 -1.36
N LEU B 114 -20.65 20.73 -1.90
CA LEU B 114 -20.97 20.82 -3.31
C LEU B 114 -20.96 22.28 -3.78
N ASN B 115 -21.66 23.16 -3.05
CA ASN B 115 -21.67 24.58 -3.43
C ASN B 115 -20.25 25.20 -3.30
N ARG B 116 -19.52 24.87 -2.24
CA ARG B 116 -18.16 25.38 -2.08
C ARG B 116 -17.20 24.91 -3.19
N VAL B 117 -17.35 23.68 -3.69
CA VAL B 117 -16.53 23.21 -4.81
C VAL B 117 -16.92 24.02 -6.07
N LYS B 118 -18.21 24.11 -6.30
CA LYS B 118 -18.77 24.81 -7.47
C LYS B 118 -18.27 26.27 -7.47
N GLN B 119 -18.35 26.89 -6.29
CA GLN B 119 -17.90 28.25 -6.06
C GLN B 119 -16.48 28.42 -6.50
N VAL B 120 -15.58 27.48 -6.12
CA VAL B 120 -14.16 27.53 -6.52
C VAL B 120 -13.97 27.22 -8.03
N VAL B 121 -14.70 26.25 -8.58
CA VAL B 121 -14.63 25.96 -10.02
C VAL B 121 -14.99 27.24 -10.82
N GLN B 122 -15.89 28.09 -10.29
CA GLN B 122 -16.27 29.37 -10.95
C GLN B 122 -15.13 30.35 -10.85
N MET B 123 -14.71 30.68 -9.62
CA MET B 123 -13.54 31.48 -9.42
C MET B 123 -12.41 31.08 -10.37
N ALA B 124 -12.07 29.80 -10.47
CA ALA B 124 -11.00 29.41 -11.40
C ALA B 124 -11.36 29.70 -12.87
N ILE B 125 -12.59 29.37 -13.29
CA ILE B 125 -13.06 29.63 -14.68
C ILE B 125 -13.14 31.15 -14.97
N ASP B 126 -13.70 31.93 -14.03
CA ASP B 126 -13.67 33.42 -14.08
C ASP B 126 -12.26 34.08 -14.29
N ASN B 127 -11.15 33.39 -13.98
CA ASN B 127 -9.77 33.84 -14.29
C ASN B 127 -9.18 33.09 -15.46
N GLU B 128 -10.04 32.58 -16.35
CA GLU B 128 -9.62 31.95 -17.61
C GLU B 128 -8.59 30.82 -17.43
N LEU B 129 -8.74 30.05 -16.34
CA LEU B 129 -7.95 28.82 -16.13
C LEU B 129 -8.84 27.61 -16.41
N TYR B 130 -8.24 26.58 -17.01
CA TYR B 130 -8.93 25.30 -17.14
C TYR B 130 -8.89 24.65 -15.74
N VAL B 131 -10.02 24.09 -15.32
CA VAL B 131 -10.11 23.39 -14.03
C VAL B 131 -10.21 21.89 -14.25
N LEU B 132 -9.29 21.12 -13.64
CA LEU B 132 -9.40 19.66 -13.58
C LEU B 132 -9.76 19.26 -12.13
N ILE B 133 -11.00 18.80 -11.88
CA ILE B 133 -11.38 18.35 -10.51
C ILE B 133 -11.38 16.82 -10.41
N ASN B 134 -10.94 16.26 -9.27
CA ASN B 134 -11.05 14.82 -9.01
C ASN B 134 -11.83 14.37 -7.73
N ILE B 135 -11.77 13.06 -7.45
CA ILE B 135 -11.88 12.44 -6.13
C ILE B 135 -10.43 11.95 -5.82
N HIS B 136 -9.75 12.55 -4.83
CA HIS B 136 -8.36 12.35 -4.60
C HIS B 136 -8.21 11.14 -3.72
N TRP B 137 -7.14 11.06 -2.93
CA TRP B 137 -7.04 9.94 -1.99
C TRP B 137 -8.28 9.77 -1.14
N ASP B 138 -8.72 10.89 -0.58
CA ASP B 138 -10.05 11.01 0.06
C ASP B 138 -10.25 10.12 1.28
N GLY B 139 -9.18 9.88 2.03
CA GLY B 139 -9.27 8.90 3.13
C GLY B 139 -8.97 7.45 2.83
N GLY B 140 -8.78 7.06 1.56
CA GLY B 140 -8.50 5.64 1.24
C GLY B 140 -9.63 4.77 0.68
N TRP B 141 -10.87 5.29 0.69
CA TRP B 141 -12.04 4.44 0.41
C TRP B 141 -11.91 3.64 -0.85
N LEU B 142 -11.61 4.33 -1.95
CA LEU B 142 -11.33 3.68 -3.21
C LEU B 142 -9.83 3.33 -3.40
N GLU B 143 -9.02 4.36 -3.18
CA GLU B 143 -7.60 4.41 -3.56
C GLU B 143 -6.78 3.30 -2.95
N ASN B 144 -7.05 2.89 -1.72
CA ASN B 144 -6.33 1.71 -1.11
C ASN B 144 -7.06 0.45 -1.16
N ASN B 145 -8.05 0.39 -2.05
CA ASN B 145 -9.01 -0.71 -2.06
C ASN B 145 -9.41 -1.15 -3.50
N ILE B 146 -8.40 -1.43 -4.34
CA ILE B 146 -8.62 -1.83 -5.74
C ILE B 146 -8.50 -3.34 -5.67
N THR B 147 -9.50 -3.94 -5.01
CA THR B 147 -9.51 -5.34 -4.71
C THR B 147 -10.88 -5.84 -5.12
N PRO B 148 -11.00 -7.15 -5.37
CA PRO B 148 -12.32 -7.73 -5.64
C PRO B 148 -13.24 -7.72 -4.44
N ALA B 149 -12.73 -7.83 -3.22
CA ALA B 149 -13.64 -7.79 -2.06
C ALA B 149 -14.31 -6.42 -1.84
N LYS B 150 -13.80 -5.38 -2.48
CA LYS B 150 -14.37 -4.01 -2.33
C LYS B 150 -14.95 -3.49 -3.61
N LYS B 151 -14.85 -4.29 -4.65
CA LYS B 151 -15.21 -3.78 -5.96
C LYS B 151 -16.63 -3.32 -5.98
N ASP B 152 -17.54 -4.14 -5.44
CA ASP B 152 -19.02 -3.82 -5.64
C ASP B 152 -19.45 -2.61 -4.83
N GLU B 153 -19.14 -2.63 -3.53
CA GLU B 153 -19.38 -1.38 -2.72
C GLU B 153 -18.72 -0.10 -3.20
N ASN B 154 -17.51 -0.18 -3.78
CA ASN B 154 -16.78 1.03 -4.20
C ASN B 154 -17.29 1.54 -5.54
N ASN B 155 -17.61 0.63 -6.45
CA ASN B 155 -18.41 1.03 -7.67
C ASN B 155 -19.72 1.78 -7.30
N ALA B 156 -20.41 1.26 -6.28
CA ALA B 156 -21.66 1.89 -5.78
C ALA B 156 -21.40 3.27 -5.30
N LYS B 157 -20.41 3.39 -4.42
CA LYS B 157 -19.98 4.73 -4.01
C LYS B 157 -19.48 5.62 -5.11
N GLN B 158 -18.66 5.08 -5.98
CA GLN B 158 -18.07 5.85 -7.09
C GLN B 158 -19.18 6.42 -7.99
N LYS B 159 -20.10 5.53 -8.30
CA LYS B 159 -21.32 5.91 -9.08
C LYS B 159 -22.09 7.01 -8.34
N ALA B 160 -22.40 6.76 -7.09
CA ALA B 160 -23.19 7.73 -6.26
C ALA B 160 -22.53 9.09 -6.15
N PHE B 161 -21.29 9.12 -5.66
CA PHE B 161 -20.57 10.40 -5.60
C PHE B 161 -20.49 11.16 -6.92
N TRP B 162 -20.16 10.46 -8.00
CA TRP B 162 -19.93 11.13 -9.29
C TRP B 162 -21.26 11.59 -9.93
N GLU B 163 -22.34 10.83 -9.72
CA GLU B 163 -23.69 11.36 -10.14
C GLU B 163 -23.91 12.73 -9.47
N GLN B 164 -23.66 12.77 -8.16
CA GLN B 164 -23.77 14.04 -7.45
C GLN B 164 -22.82 15.11 -7.94
N ILE B 165 -21.53 14.78 -8.19
CA ILE B 165 -20.53 15.79 -8.56
C ILE B 165 -20.85 16.44 -9.91
N ALA B 166 -21.17 15.56 -10.83
CA ALA B 166 -21.39 15.85 -12.23
C ALA B 166 -22.70 16.61 -12.43
N THR B 167 -23.71 16.21 -11.66
CA THR B 167 -25.00 16.88 -11.73
C THR B 167 -24.84 18.34 -11.38
N HIS B 168 -24.20 18.58 -10.25
CA HIS B 168 -24.08 19.93 -9.67
C HIS B 168 -23.24 20.87 -10.52
N LEU B 169 -22.30 20.30 -11.27
CA LEU B 169 -21.29 21.04 -12.02
C LEU B 169 -21.52 20.93 -13.50
N ARG B 170 -22.67 20.37 -13.89
CA ARG B 170 -23.01 20.18 -15.27
C ARG B 170 -22.88 21.44 -16.15
N ASP B 171 -23.28 22.62 -15.67
CA ASP B 171 -23.38 23.84 -16.54
C ASP B 171 -22.09 24.64 -16.79
N PHE B 172 -20.95 24.18 -16.25
CA PHE B 172 -19.64 24.72 -16.70
C PHE B 172 -19.27 24.15 -18.07
N ASP B 173 -18.47 24.89 -18.83
CA ASP B 173 -18.13 24.53 -20.21
C ASP B 173 -16.97 23.51 -20.27
N GLU B 174 -16.33 23.37 -21.45
CA GLU B 174 -15.20 22.43 -21.61
C GLU B 174 -13.95 22.74 -20.75
N HIS B 175 -13.83 23.99 -20.25
CA HIS B 175 -12.84 24.41 -19.22
C HIS B 175 -12.83 23.52 -17.96
N LEU B 176 -13.97 22.90 -17.67
CA LEU B 176 -14.12 21.99 -16.55
C LEU B 176 -13.95 20.60 -17.08
N LEU B 177 -12.93 19.92 -16.55
CA LEU B 177 -12.61 18.57 -16.85
C LEU B 177 -12.74 17.78 -15.52
N PHE B 178 -13.05 16.48 -15.61
CA PHE B 178 -13.20 15.64 -14.44
C PHE B 178 -12.24 14.50 -14.52
N ALA B 179 -11.67 14.13 -13.37
CA ALA B 179 -10.78 12.99 -13.26
C ALA B 179 -11.37 12.08 -12.25
N GLY B 180 -11.43 10.79 -12.55
CA GLY B 180 -12.30 9.92 -11.84
C GLY B 180 -11.68 9.41 -10.57
N THR B 181 -10.36 9.36 -10.52
CA THR B 181 -9.66 8.83 -9.37
C THR B 181 -8.36 9.64 -9.25
N ASN B 182 -7.51 9.27 -8.28
CA ASN B 182 -6.24 9.93 -8.15
C ASN B 182 -5.09 8.98 -8.42
N GLU B 183 -4.67 8.16 -7.42
CA GLU B 183 -3.58 7.20 -7.50
C GLU B 183 -4.03 5.81 -7.12
N PRO B 184 -4.96 5.24 -7.89
CA PRO B 184 -5.44 3.89 -7.58
C PRO B 184 -4.35 2.85 -7.35
N ASN B 185 -4.36 2.17 -6.20
CA ASN B 185 -3.33 1.24 -5.84
C ASN B 185 -3.60 -0.12 -6.50
N ALA B 186 -3.34 -0.16 -7.80
CA ALA B 186 -3.40 -1.37 -8.59
C ALA B 186 -1.97 -1.73 -9.06
N GLU B 187 -1.50 -2.85 -8.54
CA GLU B 187 -0.11 -3.34 -8.66
C GLU B 187 0.03 -4.58 -9.59
N ASN B 188 -1.09 -5.16 -10.00
CA ASN B 188 -1.10 -6.36 -10.86
C ASN B 188 -2.39 -6.37 -11.67
N ALA B 189 -2.67 -7.50 -12.33
CA ALA B 189 -3.56 -7.41 -13.49
C ALA B 189 -4.99 -7.53 -13.05
N GLU B 190 -5.23 -8.35 -12.03
CA GLU B 190 -6.53 -8.51 -11.32
C GLU B 190 -6.98 -7.14 -10.75
N GLN B 191 -6.11 -6.53 -9.94
CA GLN B 191 -6.36 -5.15 -9.45
C GLN B 191 -6.66 -4.19 -10.60
N MET B 192 -5.95 -4.36 -11.68
CA MET B 192 -6.21 -3.49 -12.84
C MET B 192 -7.59 -3.73 -13.47
N ASP B 193 -8.06 -5.00 -13.52
CA ASP B 193 -9.45 -5.34 -13.94
C ASP B 193 -10.44 -4.63 -13.02
N VAL B 194 -10.15 -4.56 -11.69
CA VAL B 194 -11.02 -3.76 -10.82
C VAL B 194 -11.04 -2.27 -11.10
N LEU B 195 -9.85 -1.75 -11.29
CA LEU B 195 -9.68 -0.35 -11.51
C LEU B 195 -10.44 -0.05 -12.73
N ASN B 196 -10.32 -0.95 -13.72
CA ASN B 196 -11.02 -0.67 -14.99
C ASN B 196 -12.54 -0.53 -14.79
N SER B 197 -13.10 -1.30 -13.88
CA SER B 197 -14.58 -1.15 -13.56
C SER B 197 -14.88 0.14 -12.79
N TYR B 198 -13.96 0.48 -11.84
CA TYR B 198 -14.08 1.84 -11.23
C TYR B 198 -14.07 2.92 -12.30
N LEU B 199 -13.20 2.76 -13.32
CA LEU B 199 -13.06 3.90 -14.27
C LEU B 199 -14.32 4.00 -15.18
N GLN B 200 -14.76 2.82 -15.59
CA GLN B 200 -16.00 2.67 -16.40
C GLN B 200 -17.24 3.24 -15.63
N THR B 201 -17.40 2.80 -14.37
CA THR B 201 -18.45 3.39 -13.53
C THR B 201 -18.45 4.88 -13.58
N PHE B 202 -17.22 5.45 -13.55
CA PHE B 202 -17.09 6.93 -13.46
C PHE B 202 -17.59 7.61 -14.73
N VAL B 203 -17.21 7.07 -15.87
CA VAL B 203 -17.62 7.69 -17.17
C VAL B 203 -19.16 7.59 -17.30
N ASP B 204 -19.66 6.42 -16.97
CA ASP B 204 -21.12 6.17 -17.02
C ASP B 204 -21.96 7.08 -16.12
N ALA B 205 -21.55 7.20 -14.84
CA ALA B 205 -22.11 8.21 -13.93
C ALA B 205 -22.14 9.61 -14.53
N VAL B 206 -21.04 9.99 -15.17
CA VAL B 206 -20.93 11.33 -15.66
C VAL B 206 -21.85 11.46 -16.87
N ARG B 207 -21.71 10.55 -17.83
CA ARG B 207 -22.49 10.67 -19.07
C ARG B 207 -24.02 10.65 -18.88
N SER B 208 -24.52 9.89 -17.90
CA SER B 208 -25.96 9.88 -17.59
C SER B 208 -26.51 11.17 -16.99
N THR B 209 -25.72 12.01 -16.30
CA THR B 209 -26.25 13.33 -15.88
C THR B 209 -26.71 14.19 -17.09
N GLY B 210 -26.24 13.87 -18.29
CA GLY B 210 -26.68 14.51 -19.52
C GLY B 210 -26.10 15.89 -19.67
N GLY B 211 -26.61 16.63 -20.65
CA GLY B 211 -26.19 18.01 -20.86
C GLY B 211 -24.77 18.07 -21.34
N LYS B 212 -24.07 19.12 -20.89
CA LYS B 212 -22.66 19.29 -21.18
C LYS B 212 -21.85 18.09 -20.75
N ASN B 213 -22.23 17.45 -19.65
CA ASN B 213 -21.56 16.22 -19.23
C ASN B 213 -21.67 15.13 -20.28
N ALA B 214 -22.55 15.33 -21.27
CA ALA B 214 -22.64 14.42 -22.42
C ALA B 214 -21.34 14.37 -23.27
N TYR B 215 -20.70 15.52 -23.47
CA TYR B 215 -19.46 15.62 -24.25
C TYR B 215 -18.20 15.90 -23.38
N ARG B 216 -18.36 16.43 -22.16
CA ARG B 216 -17.22 16.85 -21.32
C ARG B 216 -16.05 15.90 -21.23
N VAL B 217 -14.85 16.44 -21.42
CA VAL B 217 -13.67 15.64 -21.43
C VAL B 217 -13.39 15.08 -20.01
N LEU B 218 -13.00 13.82 -19.94
CA LEU B 218 -12.79 13.08 -18.68
C LEU B 218 -11.41 12.43 -18.68
N VAL B 219 -10.80 12.31 -17.52
CA VAL B 219 -9.42 11.83 -17.43
C VAL B 219 -9.43 10.59 -16.59
N LEU B 220 -8.74 9.55 -17.01
CA LEU B 220 -8.63 8.29 -16.32
C LEU B 220 -7.13 7.99 -15.94
N GLN B 221 -6.93 7.10 -14.99
CA GLN B 221 -5.69 7.03 -14.36
C GLN B 221 -5.17 5.59 -14.42
N GLY B 222 -3.86 5.44 -14.64
CA GLY B 222 -3.21 4.15 -14.75
C GLY B 222 -2.95 3.70 -13.35
N PRO B 223 -2.55 2.42 -13.17
CA PRO B 223 -2.35 1.92 -11.85
C PRO B 223 -1.23 2.74 -11.19
N VAL B 224 -1.50 3.12 -9.96
CA VAL B 224 -0.65 3.97 -9.16
C VAL B 224 -0.28 5.28 -9.88
N THR B 225 -0.99 5.67 -10.93
CA THR B 225 -0.49 6.67 -11.92
C THR B 225 1.06 6.54 -12.32
N ASP B 226 1.62 5.36 -12.06
CA ASP B 226 2.98 5.05 -12.35
C ASP B 226 3.17 4.68 -13.82
N ILE B 227 4.13 5.32 -14.49
CA ILE B 227 4.43 5.08 -15.94
C ILE B 227 4.78 3.61 -16.26
N GLU B 228 5.67 2.98 -15.50
CA GLU B 228 5.98 1.57 -15.70
C GLU B 228 4.74 0.65 -15.43
N LYS B 229 3.98 0.86 -14.32
CA LYS B 229 2.81 -0.01 -14.05
C LYS B 229 1.76 0.28 -15.12
N THR B 230 1.66 1.49 -15.61
CA THR B 230 0.68 1.76 -16.66
C THR B 230 1.00 0.94 -17.93
N ASN B 231 2.25 1.01 -18.40
CA ASN B 231 2.68 0.38 -19.69
C ASN B 231 2.49 -1.11 -19.60
N GLU B 232 2.87 -1.69 -18.46
CA GLU B 232 2.69 -3.08 -18.18
C GLU B 232 1.24 -3.57 -18.14
N LEU B 233 0.32 -2.83 -17.52
CA LEU B 233 -0.97 -3.47 -17.12
C LEU B 233 -2.19 -2.88 -17.77
N TRP B 234 -2.06 -1.69 -18.32
CA TRP B 234 -3.20 -1.06 -18.95
C TRP B 234 -3.60 -1.90 -20.16
N THR B 235 -4.89 -1.85 -20.49
CA THR B 235 -5.48 -2.67 -21.56
C THR B 235 -6.22 -1.74 -22.47
N HIS B 236 -7.26 -1.05 -21.98
CA HIS B 236 -8.11 -0.18 -22.89
C HIS B 236 -8.69 0.95 -22.10
N MET B 237 -9.04 2.03 -22.78
CA MET B 237 -9.88 3.06 -22.27
C MET B 237 -11.28 2.55 -21.93
N PRO B 238 -11.93 3.15 -20.92
CA PRO B 238 -13.31 2.68 -20.75
C PRO B 238 -14.18 3.04 -22.01
N ALA B 239 -15.28 2.32 -22.20
CA ALA B 239 -16.23 2.61 -23.28
C ALA B 239 -16.92 3.95 -23.13
N ASP B 240 -17.08 4.65 -24.22
CA ASP B 240 -17.65 5.99 -24.18
C ASP B 240 -18.74 6.17 -25.28
N THR B 241 -19.61 7.11 -24.99
CA THR B 241 -20.80 7.45 -25.68
C THR B 241 -20.57 8.76 -26.48
N ALA B 242 -19.64 9.62 -26.05
CA ALA B 242 -19.09 10.62 -26.96
C ALA B 242 -17.86 10.11 -27.67
N THR B 243 -17.52 10.82 -28.72
CA THR B 243 -16.38 10.46 -29.55
C THR B 243 -15.22 11.40 -29.21
N ASP B 244 -14.06 10.80 -28.91
CA ASP B 244 -12.75 11.48 -28.69
C ASP B 244 -12.73 12.47 -27.51
N ARG B 245 -13.29 12.07 -26.36
CA ARG B 245 -13.32 12.94 -25.15
C ARG B 245 -12.75 12.31 -23.83
N LEU B 246 -11.78 11.43 -23.98
CA LEU B 246 -11.00 10.87 -22.90
C LEU B 246 -9.50 11.34 -22.95
N MET B 247 -8.91 11.54 -21.78
CA MET B 247 -7.46 11.57 -21.65
C MET B 247 -7.04 10.56 -20.64
N ALA B 248 -5.78 10.22 -20.69
CA ALA B 248 -5.17 9.40 -19.70
C ALA B 248 -4.40 10.30 -18.69
N GLU B 249 -3.90 9.73 -17.56
CA GLU B 249 -3.17 10.54 -16.57
C GLU B 249 -2.23 9.65 -15.82
N VAL B 250 -1.00 10.18 -15.69
CA VAL B 250 0.04 9.57 -14.87
C VAL B 250 0.64 10.69 -14.00
N HIS B 251 1.41 10.28 -12.99
CA HIS B 251 2.13 11.25 -12.16
C HIS B 251 3.68 10.92 -12.21
N PHE B 252 4.50 11.85 -11.74
CA PHE B 252 5.93 11.74 -11.88
C PHE B 252 6.66 12.41 -10.71
N TYR B 253 7.24 11.57 -9.87
CA TYR B 253 8.19 11.83 -8.80
C TYR B 253 9.46 10.98 -8.94
N THR B 254 9.79 10.67 -10.19
CA THR B 254 10.95 9.86 -10.52
C THR B 254 12.18 10.87 -10.73
N PRO B 255 13.31 10.63 -10.09
CA PRO B 255 13.57 9.50 -9.19
C PRO B 255 13.27 9.85 -7.74
N TYR B 256 12.91 8.82 -6.99
CA TYR B 256 12.34 9.05 -5.68
C TYR B 256 13.42 9.64 -4.76
N ASN B 257 14.63 9.10 -4.86
CA ASN B 257 15.68 9.48 -3.91
C ASN B 257 15.97 10.99 -4.00
N PHE B 258 15.72 11.60 -5.17
CA PHE B 258 15.76 13.05 -5.31
C PHE B 258 14.49 13.75 -4.94
N ALA B 259 13.35 13.45 -5.57
CA ALA B 259 12.16 14.35 -5.45
C ALA B 259 11.46 14.37 -4.07
N LEU B 260 11.59 13.28 -3.33
CA LEU B 260 10.79 13.08 -2.12
C LEU B 260 11.51 12.36 -0.97
N MET B 261 12.63 11.76 -1.18
CA MET B 261 13.15 10.93 -0.09
C MET B 261 13.72 11.92 0.95
N ARG B 262 13.10 11.93 2.14
CA ARG B 262 13.42 12.84 3.25
C ARG B 262 14.48 12.30 4.22
N GLN B 263 14.87 11.03 4.06
CA GLN B 263 15.92 10.39 4.94
C GLN B 263 16.70 9.28 4.20
N ASP B 264 17.94 9.04 4.60
CA ASP B 264 18.65 7.90 4.11
C ASP B 264 18.00 6.63 4.72
N GLU B 265 18.02 5.50 3.97
CA GLU B 265 17.45 4.19 4.41
C GLU B 265 18.47 3.10 4.22
N SER B 266 18.34 2.00 4.95
CA SER B 266 19.15 0.78 4.66
C SER B 266 19.31 0.46 3.13
N TRP B 267 18.31 0.78 2.28
CA TRP B 267 18.29 0.44 0.85
C TRP B 267 18.65 1.53 -0.13
N GLY B 268 18.88 2.73 0.37
CA GLY B 268 19.14 3.85 -0.52
C GLY B 268 19.45 5.14 0.20
N LYS B 269 20.02 6.07 -0.56
CA LYS B 269 20.44 7.35 -0.04
C LYS B 269 19.63 8.38 -0.79
N GLN B 270 19.27 9.43 -0.09
CA GLN B 270 18.79 10.66 -0.72
C GLN B 270 19.76 11.16 -1.80
N PHE B 271 19.18 11.69 -2.87
CA PHE B 271 19.93 12.35 -3.88
C PHE B 271 19.68 13.79 -3.64
N TYR B 272 20.75 14.60 -3.48
CA TYR B 272 20.66 16.07 -3.34
C TYR B 272 20.69 16.80 -4.68
N TYR B 273 21.32 16.18 -5.66
CA TYR B 273 21.63 16.86 -6.94
C TYR B 273 21.08 16.12 -8.14
N TRP B 274 20.74 16.83 -9.20
CA TRP B 274 20.18 16.20 -10.38
C TRP B 274 20.51 17.00 -11.66
N GLY B 275 20.96 16.29 -12.69
CA GLY B 275 21.03 16.88 -14.08
C GLY B 275 22.48 17.10 -14.52
N GLU B 276 22.72 17.19 -15.84
CA GLU B 276 24.08 17.30 -16.41
C GLU B 276 24.64 18.67 -15.98
N GLY B 277 25.83 18.67 -15.35
CA GLY B 277 26.43 19.92 -14.84
C GLY B 277 25.76 20.58 -13.64
N PHE B 278 25.03 19.78 -12.87
CA PHE B 278 24.75 20.12 -11.49
C PHE B 278 25.04 18.91 -10.62
N LEU B 279 25.97 18.06 -11.07
CA LEU B 279 26.51 16.97 -10.26
C LEU B 279 27.70 17.50 -9.48
N SER B 280 28.30 16.66 -8.67
CA SER B 280 29.34 17.07 -7.78
C SER B 280 30.59 16.16 -7.94
N THR B 281 31.73 16.79 -7.71
CA THR B 281 32.98 16.07 -7.73
C THR B 281 33.49 15.77 -6.32
N THR B 282 32.73 16.20 -5.30
CA THR B 282 33.15 16.15 -3.91
C THR B 282 32.34 15.10 -3.14
N ASP B 283 31.14 15.48 -2.65
CA ASP B 283 30.13 14.48 -2.16
C ASP B 283 29.46 13.76 -3.36
N THR B 284 30.19 12.86 -3.99
CA THR B 284 29.72 12.19 -5.21
C THR B 284 28.56 11.20 -4.86
N GLU B 285 28.68 10.49 -3.72
CA GLU B 285 27.60 9.68 -3.15
C GLU B 285 26.22 10.34 -3.17
N ARG B 286 26.11 11.67 -3.31
CA ARG B 286 24.80 12.35 -3.35
C ARG B 286 24.32 12.66 -4.68
N ASN B 287 25.01 12.14 -5.70
CA ASN B 287 24.53 12.22 -7.08
C ASN B 287 23.64 10.98 -7.31
N PRO B 288 22.80 11.02 -8.36
CA PRO B 288 21.96 9.88 -8.69
C PRO B 288 22.70 8.69 -9.22
N THR B 289 22.47 7.56 -8.59
CA THR B 289 22.82 6.31 -9.16
C THR B 289 21.80 5.91 -10.23
N TRP B 290 20.67 6.62 -10.35
CA TRP B 290 19.62 6.32 -11.36
C TRP B 290 18.57 7.42 -11.53
N GLY B 291 17.78 7.34 -12.57
CA GLY B 291 16.73 8.34 -12.80
C GLY B 291 17.04 9.68 -13.43
N GLU B 292 18.10 9.74 -14.27
CA GLU B 292 18.48 11.02 -14.89
C GLU B 292 17.77 11.16 -16.19
N GLU B 293 18.13 12.21 -16.93
CA GLU B 293 17.56 12.57 -18.23
C GLU B 293 17.19 11.41 -19.21
N ALA B 294 18.03 10.39 -19.30
CA ALA B 294 17.77 9.27 -20.18
C ALA B 294 16.55 8.46 -19.63
N THR B 295 16.62 8.10 -18.34
CA THR B 295 15.48 7.51 -17.61
C THR B 295 14.18 8.31 -17.75
N ILE B 296 14.21 9.63 -17.64
CA ILE B 296 13.01 10.41 -17.93
C ILE B 296 12.52 10.17 -19.34
N ASP B 297 13.45 10.20 -20.28
CA ASP B 297 13.13 10.20 -21.71
C ASP B 297 12.44 8.89 -22.15
N GLN B 298 13.04 7.74 -21.79
CA GLN B 298 12.47 6.38 -21.96
C GLN B 298 11.01 6.32 -21.37
N LEU B 299 10.77 6.85 -20.15
CA LEU B 299 9.41 6.82 -19.46
C LEU B 299 8.36 7.65 -20.17
N PHE B 300 8.67 8.92 -20.42
CA PHE B 300 7.75 9.73 -21.24
C PHE B 300 7.56 9.15 -22.67
N ASP B 301 8.54 8.37 -23.14
CA ASP B 301 8.45 7.68 -24.43
C ASP B 301 7.38 6.59 -24.38
N LEU B 302 7.44 5.74 -23.33
CA LEU B 302 6.43 4.70 -23.09
C LEU B 302 5.00 5.17 -23.25
N MET B 303 4.70 6.38 -22.81
CA MET B 303 3.35 6.93 -22.82
C MET B 303 3.03 7.67 -24.07
N LYS B 304 4.08 8.14 -24.77
CA LYS B 304 3.87 8.74 -26.07
C LYS B 304 3.39 7.62 -27.02
N THR B 305 4.18 6.55 -27.12
CA THR B 305 3.83 5.29 -27.82
C THR B 305 2.39 4.88 -27.42
N LYS B 306 2.13 4.67 -26.11
CA LYS B 306 0.86 4.12 -25.64
C LYS B 306 -0.41 4.99 -25.82
N PHE B 307 -0.34 6.30 -25.65
CA PHE B 307 -1.55 7.13 -25.68
C PHE B 307 -1.47 8.22 -26.71
N VAL B 308 -0.42 9.05 -26.67
CA VAL B 308 -0.45 10.33 -27.43
C VAL B 308 -0.52 10.09 -28.94
N ASP B 309 0.37 9.21 -29.40
CA ASP B 309 0.41 8.61 -30.77
C ASP B 309 -0.93 7.99 -31.19
N GLN B 310 -1.36 6.90 -30.49
CA GLN B 310 -2.71 6.30 -30.58
C GLN B 310 -3.89 7.23 -30.31
N GLY B 311 -3.73 8.58 -30.47
CA GLY B 311 -4.84 9.58 -30.35
C GLY B 311 -5.20 10.14 -28.97
N ILE B 312 -4.68 9.55 -27.89
CA ILE B 312 -5.08 9.86 -26.48
C ILE B 312 -4.08 10.81 -25.71
N PRO B 313 -4.46 12.07 -25.42
CA PRO B 313 -3.61 12.92 -24.53
C PRO B 313 -3.32 12.36 -23.14
N VAL B 314 -2.14 12.64 -22.61
CA VAL B 314 -1.76 12.27 -21.24
C VAL B 314 -1.69 13.51 -20.35
N VAL B 315 -2.45 13.54 -19.25
CA VAL B 315 -2.22 14.50 -18.12
C VAL B 315 -1.09 13.99 -17.23
N LEU B 316 -0.05 14.82 -17.09
CA LEU B 316 0.99 14.61 -16.10
C LEU B 316 0.45 15.37 -14.91
N GLY B 317 -0.25 14.63 -14.06
CA GLY B 317 -1.18 15.23 -13.12
C GLY B 317 -0.53 15.80 -11.89
N GLU B 318 0.65 15.29 -11.59
CA GLU B 318 1.42 15.78 -10.46
C GLU B 318 2.86 15.58 -10.86
N PHE B 319 3.65 16.63 -10.75
CA PHE B 319 5.11 16.39 -10.47
C PHE B 319 5.70 17.49 -9.60
N SER B 320 6.66 17.14 -8.76
CA SER B 320 7.60 18.11 -8.13
C SER B 320 8.72 17.46 -7.37
N ALA B 321 9.87 18.13 -7.42
CA ALA B 321 11.00 17.80 -6.52
C ALA B 321 11.03 18.81 -5.36
N MET B 322 11.09 18.25 -4.16
CA MET B 322 11.01 19.07 -2.95
C MET B 322 12.30 19.90 -2.77
N ARG B 323 12.13 21.10 -2.21
CA ARG B 323 13.23 21.96 -1.76
C ARG B 323 13.95 21.38 -0.55
N ARG B 324 15.25 21.17 -0.66
CA ARG B 324 16.11 20.74 0.46
C ARG B 324 16.89 21.98 1.01
N THR B 325 16.16 22.81 1.73
CA THR B 325 16.71 23.97 2.38
C THR B 325 17.34 23.63 3.77
N ASN B 326 17.45 22.33 4.12
CA ASN B 326 18.32 21.85 5.22
C ASN B 326 19.81 21.78 4.78
N LEU B 327 20.02 21.86 3.47
CA LEU B 327 21.35 21.98 2.93
C LEU B 327 21.79 23.45 3.17
N THR B 328 23.10 23.67 3.20
CA THR B 328 23.76 24.99 3.44
C THR B 328 24.93 25.21 2.48
N GLY B 329 25.23 26.46 2.11
CA GLY B 329 26.46 26.77 1.38
C GLY B 329 26.49 26.31 -0.05
N ASP B 330 27.62 25.76 -0.48
CA ASP B 330 27.79 25.22 -1.83
C ASP B 330 26.86 24.03 -2.21
N ALA B 331 26.52 23.20 -1.22
CA ALA B 331 25.60 22.07 -1.40
C ALA B 331 24.19 22.62 -1.62
N LEU B 332 23.76 23.58 -0.81
CA LEU B 332 22.51 24.27 -1.10
C LEU B 332 22.45 24.68 -2.60
N THR B 333 23.38 25.54 -3.07
CA THR B 333 23.29 26.14 -4.43
C THR B 333 23.27 25.08 -5.50
N LEU B 334 24.17 24.10 -5.41
CA LEU B 334 24.24 23.03 -6.46
C LEU B 334 22.89 22.21 -6.46
N HIS B 335 22.34 21.93 -5.28
CA HIS B 335 20.98 21.31 -5.17
C HIS B 335 19.90 22.20 -5.73
N LEU B 336 19.87 23.44 -5.29
CA LEU B 336 18.82 24.36 -5.74
C LEU B 336 18.79 24.60 -7.26
N ALA B 337 19.96 24.51 -7.90
CA ALA B 337 20.04 24.71 -9.34
C ALA B 337 19.58 23.47 -10.11
N GLY B 338 20.13 22.30 -9.80
CA GLY B 338 19.62 21.01 -10.30
C GLY B 338 18.09 20.86 -10.14
N ARG B 339 17.57 21.30 -9.01
CA ARG B 339 16.15 21.23 -8.73
C ARG B 339 15.36 22.08 -9.66
N ALA B 340 15.78 23.31 -9.86
CA ALA B 340 15.09 24.19 -10.86
C ALA B 340 15.08 23.47 -12.26
N TYR B 341 16.24 22.94 -12.65
CA TYR B 341 16.44 22.34 -13.94
C TYR B 341 15.72 21.00 -14.11
N TYR B 342 15.56 20.26 -13.00
CA TYR B 342 14.70 19.07 -13.00
C TYR B 342 13.32 19.43 -13.48
N HIS B 343 12.77 20.49 -12.89
CA HIS B 343 11.43 21.03 -13.22
C HIS B 343 11.36 21.56 -14.63
N LYS B 344 12.44 22.18 -15.07
CA LYS B 344 12.68 22.54 -16.49
C LYS B 344 12.68 21.33 -17.47
N TYR B 345 13.58 20.36 -17.25
CA TYR B 345 13.71 19.19 -18.09
C TYR B 345 12.36 18.42 -18.11
N VAL B 346 11.77 18.18 -16.92
CA VAL B 346 10.48 17.47 -16.80
C VAL B 346 9.40 18.18 -17.62
N THR B 347 9.25 19.46 -17.40
CA THR B 347 8.23 20.22 -18.15
C THR B 347 8.41 20.14 -19.65
N GLN B 348 9.67 20.25 -20.10
CA GLN B 348 9.94 20.41 -21.54
C GLN B 348 9.86 19.06 -22.22
N GLN B 349 10.51 18.03 -21.68
CA GLN B 349 10.39 16.67 -22.20
C GLN B 349 8.95 16.07 -22.15
N ALA B 350 8.11 16.48 -21.18
CA ALA B 350 6.69 16.12 -21.15
C ALA B 350 5.97 16.74 -22.36
N LEU B 351 6.06 18.07 -22.47
CA LEU B 351 5.39 18.84 -23.57
C LEU B 351 5.85 18.47 -25.00
N ALA B 352 7.14 18.18 -25.17
CA ALA B 352 7.70 17.77 -26.48
C ALA B 352 7.22 16.36 -26.89
N ARG B 353 6.55 15.66 -25.99
CA ARG B 353 5.94 14.39 -26.29
C ARG B 353 4.40 14.35 -26.00
N GLY B 354 3.76 15.51 -25.95
CA GLY B 354 2.32 15.65 -25.65
C GLY B 354 1.84 15.22 -24.25
N LEU B 355 2.71 15.25 -23.24
CA LEU B 355 2.26 15.15 -21.84
C LEU B 355 1.97 16.54 -21.35
N LEU B 356 0.88 16.67 -20.58
CA LEU B 356 0.46 17.96 -20.04
C LEU B 356 0.98 18.06 -18.58
N PRO B 357 2.04 18.86 -18.33
CA PRO B 357 2.68 18.93 -17.02
C PRO B 357 1.90 19.79 -15.95
N PHE B 358 1.47 19.15 -14.84
CA PHE B 358 0.78 19.82 -13.70
C PHE B 358 1.71 19.72 -12.47
N TYR B 359 2.16 20.91 -12.02
CA TYR B 359 3.13 21.03 -10.93
C TYR B 359 2.41 20.75 -9.64
N TRP B 360 3.00 19.90 -8.80
CA TRP B 360 2.43 19.59 -7.53
C TRP B 360 2.98 20.57 -6.42
N ASP B 361 2.08 21.40 -5.90
CA ASP B 361 2.27 22.44 -4.92
C ASP B 361 1.57 22.15 -3.55
N ASN B 362 2.32 21.69 -2.56
CA ASN B 362 1.68 21.39 -1.26
C ASN B 362 1.47 22.63 -0.38
N GLY B 363 1.85 23.79 -0.87
CA GLY B 363 1.39 25.06 -0.28
C GLY B 363 2.46 25.57 0.67
N GLY B 364 3.48 24.75 0.97
CA GLY B 364 4.41 25.02 2.02
C GLY B 364 5.67 25.71 1.55
N ASN B 365 6.30 26.45 2.47
CA ASN B 365 7.57 27.14 2.17
C ASN B 365 8.76 26.71 2.99
N ASP B 366 8.59 25.67 3.78
CA ASP B 366 9.67 25.19 4.68
C ASP B 366 10.48 24.08 4.03
N ASN B 367 11.39 23.43 4.77
CA ASN B 367 12.15 22.33 4.24
C ASN B 367 11.22 21.21 3.82
N PHE B 368 11.62 20.55 2.73
CA PHE B 368 10.92 19.43 2.13
C PHE B 368 9.53 19.76 1.72
N SER B 369 9.26 20.99 1.35
CA SER B 369 7.94 21.35 0.84
C SER B 369 8.03 21.59 -0.64
N SER B 370 6.92 22.01 -1.25
CA SER B 370 6.81 22.09 -2.69
C SER B 370 5.98 23.30 -3.11
N GLY B 371 5.64 24.20 -2.15
CA GLY B 371 4.93 25.49 -2.44
C GLY B 371 5.87 26.41 -3.23
N ILE B 372 5.37 26.94 -4.33
CA ILE B 372 6.11 27.91 -5.16
C ILE B 372 5.63 29.32 -4.87
N PHE B 373 4.39 29.42 -4.39
CA PHE B 373 3.79 30.61 -3.87
C PHE B 373 3.71 30.53 -2.37
N ASN B 374 3.51 31.71 -1.77
CA ASN B 374 3.28 31.85 -0.33
C ASN B 374 1.83 32.20 -0.29
N ARG B 375 0.99 31.26 0.11
CA ARG B 375 -0.47 31.46 -0.04
C ARG B 375 -1.13 32.46 0.94
N GLN B 376 -0.47 32.74 2.06
CA GLN B 376 -1.00 33.68 3.07
C GLN B 376 -0.85 35.12 2.56
N GLN B 377 0.33 35.47 2.08
CA GLN B 377 0.60 36.81 1.48
C GLN B 377 0.30 36.98 -0.03
N ASN B 378 -0.18 35.92 -0.69
CA ASN B 378 -0.28 35.86 -2.16
C ASN B 378 0.91 36.49 -2.88
N THR B 379 2.08 35.94 -2.68
CA THR B 379 3.33 36.37 -3.32
C THR B 379 4.09 35.14 -3.87
N VAL B 380 4.91 35.34 -4.91
CA VAL B 380 5.81 34.28 -5.39
C VAL B 380 6.93 34.07 -4.37
N PHE B 381 7.08 32.82 -3.91
CA PHE B 381 8.10 32.44 -2.93
C PHE B 381 9.27 31.73 -3.59
N ASP B 382 9.04 30.98 -4.69
CA ASP B 382 10.12 30.26 -5.38
C ASP B 382 10.18 30.62 -6.84
N GLN B 383 10.51 31.89 -7.14
CA GLN B 383 10.65 32.35 -8.54
C GLN B 383 11.69 31.52 -9.31
N GLN B 384 12.76 31.06 -8.69
CA GLN B 384 13.69 30.12 -9.39
C GLN B 384 12.99 28.91 -10.11
N VAL B 385 11.97 28.34 -9.45
CA VAL B 385 11.27 27.14 -9.90
C VAL B 385 10.19 27.61 -10.89
N LEU B 386 9.44 28.61 -10.52
CA LEU B 386 8.58 29.20 -11.49
C LEU B 386 9.34 29.44 -12.85
N ASP B 387 10.47 30.14 -12.85
CA ASP B 387 11.13 30.45 -14.13
C ASP B 387 11.54 29.20 -14.88
N ALA B 388 11.89 28.16 -14.14
CA ALA B 388 12.32 26.91 -14.73
C ALA B 388 11.10 26.23 -15.41
N LEU B 389 9.94 26.24 -14.74
CA LEU B 389 8.68 25.74 -15.33
C LEU B 389 8.28 26.58 -16.55
N LEU B 390 8.39 27.90 -16.45
CA LEU B 390 8.02 28.80 -17.59
C LEU B 390 9.01 28.68 -18.76
N GLU B 391 10.29 28.71 -18.47
CA GLU B 391 11.28 28.47 -19.53
C GLU B 391 10.92 27.15 -20.21
N GLY B 392 10.85 26.07 -19.43
CA GLY B 392 10.50 24.74 -19.93
C GLY B 392 9.20 24.64 -20.75
N ALA B 393 8.26 25.54 -20.46
CA ALA B 393 7.04 25.72 -21.25
C ALA B 393 7.22 26.54 -22.56
N GLY B 394 8.47 26.83 -22.96
CA GLY B 394 8.83 27.43 -24.27
C GLY B 394 8.65 28.93 -24.35
C2 BGC C . 2.15 -12.18 3.62
C3 BGC C . 1.99 -13.55 2.90
C4 BGC C . 2.51 -13.39 1.46
C5 BGC C . 3.90 -12.70 1.38
C6 BGC C . 4.34 -12.19 0.00
C1 BGC C . 3.61 -11.78 3.47
O1 BGC C . 3.89 -10.57 4.01
O2 BGC C . 1.86 -12.22 5.00
O3 BGC C . 0.61 -13.90 2.79
O4 BGC C . 2.50 -14.67 0.83
O5 BGC C . 3.85 -11.49 2.12
O6 BGC C . 5.18 -13.23 -0.45
C2 BGC C . 2.36 -16.03 -1.20
C3 BGC C . 1.94 -15.90 -2.65
C4 BGC C . 0.51 -15.43 -2.71
C5 BGC C . 0.27 -14.12 -1.96
C6 BGC C . -1.21 -13.75 -1.84
C1 BGC C . 2.09 -14.67 -0.54
O2 BGC C . 3.75 -16.47 -1.14
O3 BGC C . 1.96 -17.12 -3.34
O4 BGC C . 0.14 -15.20 -4.07
O5 BGC C . 0.71 -14.28 -0.61
O6 BGC C . -1.13 -12.35 -1.57
C2 BGC C . -1.60 -15.23 -5.68
C3 BGC C . -2.52 -16.17 -6.45
C4 BGC C . -1.92 -17.55 -6.77
C5 BGC C . -1.34 -18.14 -5.49
C6 BGC C . -0.62 -19.50 -5.74
C1 BGC C . -0.99 -15.95 -4.47
O2 BGC C . -2.42 -14.14 -5.27
O3 BGC C . -2.94 -15.43 -7.63
O4 BGC C . -2.86 -18.53 -7.31
O5 BGC C . -0.44 -17.20 -4.86
O6 BGC C . 0.25 -19.63 -6.91
C2 BGC C . -3.77 -19.47 -9.30
C3 BGC C . -3.77 -19.11 -10.77
C4 BGC C . -4.65 -17.88 -11.02
C5 BGC C . -4.48 -16.73 -10.04
C6 BGC C . -5.67 -15.78 -10.17
C1 BGC C . -3.34 -18.21 -8.63
O2 BGC C . -2.91 -20.56 -8.91
O3 BGC C . -4.36 -20.12 -11.54
O4 BGC C . -4.24 -17.27 -12.24
O5 BGC C . -4.43 -17.28 -8.72
O6 BGC C . -6.02 -15.59 -11.56
C1 XYS C . 1.46 -18.84 -6.92
C2 XYS C . 2.21 -19.05 -8.22
C3 XYS C . 2.75 -20.49 -8.26
C4 XYS C . 3.54 -20.77 -6.98
C5 XYS C . 2.68 -20.53 -5.76
O2 XYS C . 1.37 -18.77 -9.35
O3 XYS C . 3.60 -20.65 -9.38
O4 XYS C . 4.03 -22.10 -6.93
O5 XYS C . 2.32 -19.14 -5.80
C1 XYS C . -2.31 -11.73 -1.07
C2 XYS C . -2.31 -10.27 -1.51
C3 XYS C . -1.12 -9.59 -0.89
C4 XYS C . -1.17 -9.80 0.61
C5 XYS C . -1.13 -11.30 0.95
O2 XYS C . -2.21 -10.09 -2.94
O3 XYS C . -1.21 -8.20 -1.17
O4 XYS C . 0.01 -9.21 1.18
O5 XYS C . -2.28 -11.88 0.34
C1 GAL C . -3.53 -10.04 -3.52
C2 GAL C . -3.37 -9.50 -4.92
C3 GAL C . -4.60 -9.62 -5.81
C4 GAL C . -5.05 -11.11 -5.77
C5 GAL C . -5.37 -11.49 -4.33
C6 GAL C . -5.89 -12.93 -4.25
O2 GAL C . -3.10 -8.13 -4.85
O3 GAL C . -4.40 -9.00 -7.12
O4 GAL C . -4.14 -12.11 -6.30
O5 GAL C . -4.17 -11.34 -3.51
O6 GAL C . -6.41 -13.43 -5.48
C2 BGC D . -0.66 12.41 -3.96
C3 BGC D . -0.55 13.79 -3.28
C4 BGC D . 0.66 13.83 -2.34
C5 BGC D . 1.91 13.57 -3.19
C6 BGC D . 3.24 13.76 -2.49
C1 BGC D . 0.71 11.92 -4.48
O1 BGC D . 0.63 10.51 -4.22
O2 BGC D . -1.68 12.42 -5.02
O3 BGC D . -1.75 14.01 -2.52
O4 BGC D . 0.78 15.10 -1.68
O5 BGC D . 1.84 12.23 -3.69
O6 BGC D . 3.22 12.83 -1.42
C2 BGC D . 1.64 16.39 0.26
C3 BGC D . 1.90 16.24 1.78
C4 BGC D . 0.66 15.68 2.52
C5 BGC D . 0.14 14.41 1.79
C6 BGC D . -1.15 13.82 2.34
C1 BGC D . 1.05 15.05 -0.27
O2 BGC D . 2.81 16.83 -0.55
O3 BGC D . 2.32 17.49 2.38
O4 BGC D . 0.90 15.33 3.91
O5 BGC D . -0.16 14.72 0.42
O6 BGC D . -1.01 12.43 2.13
C2 BGC D . -0.02 15.39 6.13
C3 BGC D . -0.84 16.24 7.11
C4 BGC D . -0.30 17.68 7.16
C5 BGC D . -0.31 18.30 5.76
C6 BGC D . 0.33 19.71 5.81
C1 BGC D . 0.00 16.05 4.77
O2 BGC D . -0.68 14.14 6.06
O3 BGC D . -0.75 15.65 8.40
O4 BGC D . -1.02 18.55 8.06
O5 BGC D . 0.41 17.42 4.90
O6 BGC D . 1.55 19.61 6.60
C2 BGC D . -1.00 19.94 9.93
C3 BGC D . -0.29 20.33 11.24
C4 BGC D . -0.34 19.14 12.23
C5 BGC D . 0.29 17.87 11.57
C6 BGC D . 0.30 16.65 12.51
C1 BGC D . -0.34 18.72 9.34
O2 BGC D . -1.04 20.95 8.91
O3 BGC D . -0.93 21.48 11.78
O4 BGC D . 0.31 19.49 13.47
O5 BGC D . -0.40 17.61 10.31
O6 BGC D . -0.95 15.94 12.62
C1 XYS D . 2.78 19.62 5.86
C2 XYS D . 4.19 19.49 6.44
C3 XYS D . 4.91 20.80 6.22
C4 XYS D . 4.75 21.28 4.78
C5 XYS D . 3.28 21.28 4.32
O2 XYS D . 4.16 19.18 7.84
O3 XYS D . 6.30 20.60 6.51
O4 XYS D . 5.29 22.60 4.64
O5 XYS D . 2.77 19.94 4.46
C1 XYS D . -2.27 11.76 2.14
C2 XYS D . -2.11 10.30 2.56
C3 XYS D . -1.21 9.66 1.51
C4 XYS D . -1.81 9.78 0.13
C5 XYS D . -2.17 11.25 -0.24
O2 XYS D . -1.59 10.18 3.92
O3 XYS D . -0.96 8.27 1.72
O4 XYS D . -0.81 9.25 -0.77
O5 XYS D . -2.86 11.92 0.84
S SO4 E . -9.90 4.76 20.26
O1 SO4 E . -9.61 5.50 21.51
O2 SO4 E . -8.70 4.91 19.39
O3 SO4 E . -10.18 3.33 20.54
O4 SO4 E . -11.09 5.37 19.62
S SO4 F . -22.96 -23.21 7.21
O1 SO4 F . -23.50 -22.19 8.15
O2 SO4 F . -21.96 -22.61 6.31
O3 SO4 F . -22.30 -24.30 7.98
O4 SO4 F . -24.06 -23.68 6.34
S SO4 G . 17.23 -30.02 -2.66
O1 SO4 G . 17.59 -29.38 -1.38
O2 SO4 G . 18.49 -30.54 -3.23
O3 SO4 G . 16.33 -31.17 -2.46
O4 SO4 G . 16.61 -29.03 -3.60
CL CL H . 24.89 -5.09 5.11
S SO4 I . 3.16 34.14 6.62
O1 SO4 I . 3.25 35.27 5.68
O2 SO4 I . 4.31 34.07 7.56
O3 SO4 I . 3.19 32.86 5.88
O4 SO4 I . 1.87 34.27 7.35
S SO4 J . 20.06 7.22 -15.82
O1 SO4 J . 21.11 6.40 -16.42
O2 SO4 J . 20.67 8.14 -14.84
O3 SO4 J . 19.16 6.34 -15.07
O4 SO4 J . 19.41 8.00 -16.92
S SO4 K . -25.57 20.83 4.48
O1 SO4 K . -24.75 21.77 5.26
O2 SO4 K . -25.68 21.39 3.10
O3 SO4 K . -24.88 19.51 4.47
O4 SO4 K . -26.94 20.58 5.00
#